data_3FRW
#
_entry.id   3FRW
#
_cell.length_a   67.601
_cell.length_b   110.991
_cell.length_c   77.262
_cell.angle_alpha   90.000
_cell.angle_beta   101.470
_cell.angle_gamma   90.000
#
_symmetry.space_group_name_H-M   'P 1 21 1'
#
loop_
_entity.id
_entity.type
_entity.pdbx_description
1 polymer 'Putative Trp repressor protein'
2 non-polymer 'ACETATE ION'
3 water water
#
_entity_poly.entity_id   1
_entity_poly.type   'polypeptide(L)'
_entity_poly.pdbx_seq_one_letter_code
;SNA(MSE)GKKIRTEEVDHLFEAILCLKNKEECYTFFEDVCTINELLSLSQRFEVAK(MSE)LTDKRTYLDISEKTGAST
ATISRVNRSLNYGNDGYE(MSE)VFSR(MSE)KEKETAGKTEE
;
_entity_poly.pdbx_strand_id   A,B,C,D,E,F,G,H
#
# COMPACT_ATOMS: atom_id res chain seq x y z
N ILE A 8 -11.54 0.48 -7.01
CA ILE A 8 -12.30 -0.62 -6.34
C ILE A 8 -13.55 -1.02 -7.14
N ARG A 9 -13.96 -0.17 -8.07
CA ARG A 9 -15.16 -0.45 -8.86
C ARG A 9 -14.83 -1.38 -10.03
N THR A 10 -14.84 -2.69 -9.81
CA THR A 10 -14.62 -3.65 -10.92
C THR A 10 -15.74 -4.71 -11.04
N GLU A 11 -15.78 -5.41 -12.16
CA GLU A 11 -16.75 -6.48 -12.37
C GLU A 11 -16.50 -7.61 -11.36
N GLU A 12 -15.27 -7.79 -10.90
CA GLU A 12 -15.04 -8.88 -9.94
C GLU A 12 -15.59 -8.46 -8.56
N VAL A 13 -15.47 -7.19 -8.21
CA VAL A 13 -16.06 -6.73 -6.95
C VAL A 13 -17.62 -6.73 -7.06
N ASP A 14 -18.14 -6.33 -8.21
CA ASP A 14 -19.59 -6.44 -8.47
C ASP A 14 -20.09 -7.85 -8.20
N HIS A 15 -19.29 -8.82 -8.64
CA HIS A 15 -19.64 -10.22 -8.55
C HIS A 15 -19.74 -10.65 -7.08
N LEU A 16 -18.74 -10.27 -6.28
CA LEU A 16 -18.80 -10.51 -4.81
C LEU A 16 -20.08 -9.89 -4.24
N PHE A 17 -20.39 -8.65 -4.64
CA PHE A 17 -21.55 -7.97 -4.09
C PHE A 17 -22.87 -8.64 -4.50
N GLU A 18 -22.97 -9.18 -5.72
CA GLU A 18 -24.17 -9.95 -6.12
C GLU A 18 -24.38 -11.14 -5.17
N ALA A 19 -23.28 -11.79 -4.78
CA ALA A 19 -23.33 -12.89 -3.83
C ALA A 19 -23.84 -12.42 -2.45
N ILE A 20 -23.24 -11.35 -1.94
CA ILE A 20 -23.66 -10.81 -0.66
C ILE A 20 -25.14 -10.42 -0.65
N LEU A 21 -25.61 -9.81 -1.74
CA LEU A 21 -27.02 -9.46 -1.89
C LEU A 21 -27.99 -10.65 -1.93
N CYS A 22 -27.55 -11.87 -2.24
CA CYS A 22 -28.50 -12.98 -2.24
CA CYS A 22 -28.38 -13.09 -2.25
C CYS A 22 -28.66 -13.66 -0.87
N LEU A 23 -27.94 -13.19 0.14
CA LEU A 23 -28.10 -13.69 1.52
C LEU A 23 -29.40 -13.15 2.09
N LYS A 24 -30.17 -13.97 2.80
CA LYS A 24 -31.48 -13.54 3.29
C LYS A 24 -31.61 -13.42 4.81
N ASN A 25 -30.65 -13.92 5.57
CA ASN A 25 -30.81 -13.93 7.05
C ASN A 25 -29.45 -14.08 7.72
N LYS A 26 -29.41 -13.99 9.05
CA LYS A 26 -28.13 -14.02 9.78
C LYS A 26 -27.44 -15.38 9.63
N GLU A 27 -28.22 -16.45 9.67
CA GLU A 27 -27.66 -17.79 9.50
C GLU A 27 -26.95 -17.92 8.17
N GLU A 28 -27.52 -17.38 7.08
CA GLU A 28 -26.81 -17.44 5.79
C GLU A 28 -25.57 -16.57 5.75
N CYS A 29 -25.60 -15.43 6.43
CA CYS A 29 -24.39 -14.64 6.54
C CYS A 29 -23.28 -15.38 7.27
N TYR A 30 -23.60 -16.09 8.36
CA TYR A 30 -22.57 -16.85 9.05
C TYR A 30 -22.00 -17.92 8.10
N THR A 31 -22.89 -18.61 7.41
CA THR A 31 -22.50 -19.60 6.40
C THR A 31 -21.48 -19.04 5.42
N PHE A 32 -21.87 -18.00 4.68
CA PHE A 32 -21.05 -17.37 3.67
C PHE A 32 -19.80 -16.63 4.24
N PHE A 33 -19.95 -15.68 5.18
CA PHE A 33 -18.74 -14.99 5.71
C PHE A 33 -17.74 -15.84 6.48
N GLU A 34 -18.18 -16.89 7.16
CA GLU A 34 -17.21 -17.77 7.78
C GLU A 34 -16.38 -18.50 6.70
N ASP A 35 -16.98 -18.78 5.54
CA ASP A 35 -16.20 -19.41 4.45
C ASP A 35 -15.20 -18.41 3.82
N VAL A 36 -15.62 -17.16 3.62
CA VAL A 36 -14.80 -16.15 2.90
C VAL A 36 -13.77 -15.41 3.76
N CYS A 37 -14.06 -15.16 5.03
CA CYS A 37 -13.17 -14.40 5.90
C CYS A 37 -12.52 -15.25 6.93
N THR A 38 -11.42 -14.78 7.47
CA THR A 38 -10.85 -15.46 8.63
C THR A 38 -11.61 -14.91 9.88
N ILE A 39 -11.42 -15.55 11.01
CA ILE A 39 -12.03 -15.10 12.29
C ILE A 39 -11.61 -13.67 12.63
N ASN A 40 -10.31 -13.42 12.55
CA ASN A 40 -9.75 -12.10 12.84
C ASN A 40 -10.30 -11.03 11.91
N GLU A 41 -10.48 -11.37 10.62
CA GLU A 41 -11.06 -10.36 9.69
C GLU A 41 -12.50 -10.03 10.02
N LEU A 42 -13.29 -11.06 10.26
CA LEU A 42 -14.69 -10.81 10.58
C LEU A 42 -14.87 -10.04 11.93
N LEU A 43 -14.06 -10.40 12.90
CA LEU A 43 -14.05 -9.67 14.17
C LEU A 43 -13.56 -8.22 14.04
N SER A 44 -12.61 -7.92 13.13
CA SER A 44 -12.20 -6.51 12.97
CA SER A 44 -12.18 -6.51 12.95
C SER A 44 -13.29 -5.69 12.34
N LEU A 45 -13.98 -6.26 11.36
CA LEU A 45 -15.13 -5.60 10.77
C LEU A 45 -16.25 -5.31 11.79
N SER A 46 -16.60 -6.31 12.59
CA SER A 46 -17.60 -6.16 13.62
C SER A 46 -17.16 -5.10 14.66
N GLN A 47 -15.88 -5.17 15.06
CA GLN A 47 -15.32 -4.15 15.92
C GLN A 47 -15.48 -2.73 15.32
N ARG A 48 -15.12 -2.51 14.06
CA ARG A 48 -15.32 -1.17 13.43
C ARG A 48 -16.75 -0.71 13.45
N PHE A 49 -17.66 -1.66 13.26
CA PHE A 49 -19.06 -1.33 13.16
C PHE A 49 -19.62 -0.91 14.53
N GLU A 50 -19.20 -1.62 15.59
CA GLU A 50 -19.54 -1.20 16.95
C GLU A 50 -18.85 0.13 17.32
N VAL A 51 -17.57 0.29 16.97
CA VAL A 51 -16.91 1.60 17.16
C VAL A 51 -17.68 2.72 16.47
N ALA A 52 -18.06 2.52 15.21
CA ALA A 52 -18.86 3.48 14.44
C ALA A 52 -20.13 3.89 15.17
N LYS A 53 -20.85 2.90 15.68
CA LYS A 53 -22.05 3.13 16.47
C LYS A 53 -21.81 4.03 17.70
N LEU A 55 -19.18 5.92 18.31
CA LEU A 55 -18.76 7.25 17.86
C LEU A 55 -19.96 8.13 17.51
N THR A 56 -20.92 7.56 16.79
CA THR A 56 -22.15 8.26 16.43
C THR A 56 -22.94 8.71 17.64
N ASP A 57 -22.81 7.93 18.73
CA ASP A 57 -23.44 8.21 20.02
C ASP A 57 -22.55 9.05 20.95
N LYS A 58 -21.51 9.68 20.40
CA LYS A 58 -20.62 10.56 21.18
C LYS A 58 -19.96 9.95 22.42
N ARG A 59 -19.62 8.67 22.36
CA ARG A 59 -18.89 8.04 23.45
C ARG A 59 -17.42 8.38 23.31
N THR A 60 -16.73 8.54 24.42
CA THR A 60 -15.31 8.91 24.40
C THR A 60 -14.46 7.75 23.92
N TYR A 61 -13.24 8.07 23.48
CA TYR A 61 -12.33 7.03 22.98
C TYR A 61 -12.07 6.03 24.12
N LEU A 62 -11.90 6.58 25.32
CA LEU A 62 -11.79 5.82 26.56
C LEU A 62 -12.90 4.77 26.71
N ASP A 63 -14.16 5.21 26.74
CA ASP A 63 -15.30 4.31 26.82
C ASP A 63 -15.36 3.31 25.66
N ILE A 64 -14.93 3.74 24.48
CA ILE A 64 -14.92 2.87 23.32
C ILE A 64 -13.84 1.77 23.40
N SER A 65 -12.62 2.16 23.69
CA SER A 65 -11.55 1.20 23.93
C SER A 65 -11.96 0.13 24.94
N GLU A 66 -12.43 0.59 26.09
CA GLU A 66 -12.81 -0.31 27.20
C GLU A 66 -13.91 -1.27 26.78
N LYS A 67 -14.93 -0.79 26.06
CA LYS A 67 -16.03 -1.65 25.63
C LYS A 67 -15.68 -2.62 24.49
N THR A 68 -14.94 -2.12 23.50
CA THR A 68 -14.64 -2.88 22.29
C THR A 68 -13.20 -3.39 22.23
N GLY A 69 -12.30 -2.87 23.06
CA GLY A 69 -10.89 -3.19 22.89
C GLY A 69 -10.16 -2.50 21.74
N ALA A 70 -10.85 -1.67 20.95
CA ALA A 70 -10.20 -0.97 19.84
C ALA A 70 -9.09 -0.03 20.28
N SER A 71 -7.99 -0.02 19.52
CA SER A 71 -6.92 0.95 19.74
C SER A 71 -7.36 2.34 19.31
N THR A 72 -6.62 3.34 19.75
CA THR A 72 -6.87 4.71 19.29
C THR A 72 -6.79 4.81 17.76
N ALA A 73 -5.84 4.09 17.15
CA ALA A 73 -5.68 4.08 15.70
C ALA A 73 -6.91 3.55 15.04
N THR A 74 -7.47 2.47 15.58
CA THR A 74 -8.69 1.93 15.04
C THR A 74 -9.84 2.89 15.11
N ILE A 75 -10.03 3.46 16.28
CA ILE A 75 -11.10 4.41 16.51
C ILE A 75 -10.97 5.64 15.61
N SER A 76 -9.75 6.16 15.46
CA SER A 76 -9.49 7.31 14.59
C SER A 76 -9.84 7.04 13.12
N ARG A 77 -9.45 5.87 12.63
CA ARG A 77 -9.85 5.45 11.29
C ARG A 77 -11.37 5.36 11.10
N VAL A 78 -12.08 4.78 12.06
CA VAL A 78 -13.53 4.71 11.92
C VAL A 78 -14.11 6.11 11.90
N ASN A 79 -13.59 6.94 12.81
CA ASN A 79 -14.00 8.35 12.85
C ASN A 79 -13.78 9.09 11.53
N ARG A 80 -12.60 8.87 10.92
CA ARG A 80 -12.25 9.44 9.61
CA ARG A 80 -12.28 9.46 9.63
C ARG A 80 -13.34 9.03 8.60
N SER A 81 -13.77 7.77 8.65
CA SER A 81 -14.80 7.25 7.75
CA SER A 81 -14.80 7.23 7.75
C SER A 81 -16.14 7.93 7.95
N LEU A 82 -16.53 8.14 9.20
CA LEU A 82 -17.79 8.83 9.52
C LEU A 82 -17.82 10.28 9.03
N ASN A 83 -16.67 10.95 9.18
CA ASN A 83 -16.52 12.36 8.82
C ASN A 83 -16.41 12.65 7.30
N TYR A 84 -15.65 11.81 6.59
CA TYR A 84 -15.23 12.13 5.23
C TYR A 84 -15.60 11.06 4.21
N GLY A 85 -16.33 10.02 4.65
CA GLY A 85 -16.67 8.88 3.81
C GLY A 85 -17.99 9.01 3.05
N ASN A 86 -18.67 7.87 2.86
CA ASN A 86 -19.84 7.82 1.96
C ASN A 86 -21.17 7.93 2.67
N ASP A 87 -21.11 8.12 3.99
CA ASP A 87 -22.27 8.00 4.87
C ASP A 87 -22.90 6.60 4.85
N GLY A 88 -22.09 5.56 4.65
CA GLY A 88 -22.59 4.18 4.60
C GLY A 88 -23.05 3.66 5.96
N TYR A 89 -22.27 3.99 6.99
CA TYR A 89 -22.66 3.68 8.35
C TYR A 89 -24.01 4.30 8.70
N GLU A 90 -24.11 5.61 8.48
CA GLU A 90 -25.36 6.35 8.67
C GLU A 90 -26.53 5.69 7.93
N VAL A 92 -26.99 2.54 6.98
CA VAL A 92 -27.44 1.31 7.65
C VAL A 92 -28.01 1.56 9.06
N PHE A 93 -27.40 2.46 9.83
CA PHE A 93 -27.98 2.81 11.14
C PHE A 93 -29.45 3.23 11.01
N SER A 94 -29.74 4.16 10.11
N SER A 94 -29.72 4.17 10.11
CA SER A 94 -31.11 4.62 9.90
CA SER A 94 -31.09 4.64 9.84
C SER A 94 -32.10 3.48 9.62
C SER A 94 -32.07 3.50 9.62
N ARG A 95 -31.78 2.63 8.64
CA ARG A 95 -32.61 1.47 8.30
C ARG A 95 -32.83 0.45 9.40
N LYS A 97 -32.94 1.20 12.50
CA LYS A 97 -33.81 1.86 13.48
C LYS A 97 -35.27 1.77 13.04
N GLU A 98 -35.50 1.84 11.73
CA GLU A 98 -36.85 1.79 11.19
C GLU A 98 -37.42 0.39 11.20
N LYS A 99 -36.55 -0.59 10.96
CA LYS A 99 -36.93 -1.97 11.16
C LYS A 99 -37.36 -2.13 12.63
N GLU A 100 -36.63 -1.48 13.53
CA GLU A 100 -36.93 -1.48 14.96
C GLU A 100 -38.29 -0.82 15.26
N THR A 101 -38.49 0.41 14.77
CA THR A 101 -39.80 1.07 14.83
C THR A 101 -40.83 0.33 13.96
N GLY B 5 -10.07 -20.48 20.78
CA GLY B 5 -9.92 -19.07 21.31
C GLY B 5 -11.02 -18.11 20.90
N LYS B 6 -10.71 -17.21 19.96
CA LYS B 6 -11.70 -16.24 19.47
C LYS B 6 -12.72 -16.90 18.54
N LYS B 7 -13.95 -16.41 18.59
CA LYS B 7 -15.06 -17.01 17.86
C LYS B 7 -15.91 -15.93 17.19
N ILE B 8 -16.47 -16.23 16.02
CA ILE B 8 -17.27 -15.25 15.27
C ILE B 8 -18.75 -15.15 15.70
N ARG B 9 -19.26 -16.15 16.44
CA ARG B 9 -20.65 -16.13 16.88
C ARG B 9 -20.80 -15.25 18.10
N THR B 10 -21.25 -14.01 17.88
CA THR B 10 -21.40 -13.02 18.95
C THR B 10 -22.51 -12.05 18.57
N GLU B 11 -23.00 -11.31 19.56
CA GLU B 11 -24.03 -10.29 19.37
CA GLU B 11 -24.05 -10.33 19.33
C GLU B 11 -23.60 -9.19 18.40
N GLU B 12 -22.33 -8.80 18.49
CA GLU B 12 -21.77 -7.75 17.64
C GLU B 12 -21.66 -8.20 16.15
N VAL B 13 -21.33 -9.46 15.90
CA VAL B 13 -21.30 -9.93 14.51
C VAL B 13 -22.75 -10.02 13.98
N ASP B 14 -23.68 -10.44 14.83
CA ASP B 14 -25.10 -10.44 14.51
C ASP B 14 -25.55 -9.08 14.01
N HIS B 15 -25.23 -8.01 14.75
CA HIS B 15 -25.61 -6.65 14.34
C HIS B 15 -24.93 -6.25 13.02
N LEU B 16 -23.64 -6.57 12.85
CA LEU B 16 -22.97 -6.30 11.58
C LEU B 16 -23.75 -6.98 10.40
N PHE B 17 -24.18 -8.24 10.58
CA PHE B 17 -24.97 -8.96 9.54
C PHE B 17 -26.33 -8.33 9.27
N GLU B 18 -26.99 -7.83 10.32
CA GLU B 18 -28.20 -7.04 10.14
C GLU B 18 -27.93 -5.85 9.24
N ALA B 19 -26.81 -5.17 9.43
CA ALA B 19 -26.52 -4.02 8.57
C ALA B 19 -26.36 -4.51 7.12
N ILE B 20 -25.61 -5.59 6.92
CA ILE B 20 -25.35 -6.10 5.56
C ILE B 20 -26.65 -6.51 4.91
N LEU B 21 -27.54 -7.11 5.67
CA LEU B 21 -28.78 -7.63 5.12
C LEU B 21 -29.71 -6.49 4.65
N CYS B 22 -29.50 -5.25 5.12
CA CYS B 22 -30.39 -4.21 4.63
CA CYS B 22 -30.27 -4.06 4.73
C CYS B 22 -29.89 -3.53 3.34
N LEU B 23 -28.71 -3.91 2.87
CA LEU B 23 -28.17 -3.35 1.62
C LEU B 23 -29.03 -3.90 0.49
N LYS B 24 -29.43 -3.02 -0.43
CA LYS B 24 -30.44 -3.37 -1.45
C LYS B 24 -29.91 -3.54 -2.87
N ASN B 25 -28.75 -2.98 -3.18
CA ASN B 25 -28.20 -3.09 -4.53
C ASN B 25 -26.70 -2.90 -4.48
N LYS B 26 -26.05 -3.00 -5.61
CA LYS B 26 -24.58 -2.96 -5.63
C LYS B 26 -24.07 -1.60 -5.23
N GLU B 27 -24.80 -0.53 -5.59
CA GLU B 27 -24.38 0.81 -5.20
CA GLU B 27 -24.41 0.85 -5.21
C GLU B 27 -24.35 1.00 -3.70
N GLU B 28 -25.35 0.46 -3.01
CA GLU B 28 -25.38 0.52 -1.56
C GLU B 28 -24.24 -0.34 -0.93
N CYS B 29 -23.81 -1.43 -1.59
CA CYS B 29 -22.63 -2.20 -1.17
C CYS B 29 -21.30 -1.42 -1.27
N TYR B 30 -21.08 -0.74 -2.40
CA TYR B 30 -19.91 0.12 -2.52
C TYR B 30 -19.92 1.16 -1.42
N THR B 31 -21.07 1.79 -1.21
CA THR B 31 -21.22 2.84 -0.20
C THR B 31 -20.88 2.33 1.20
N PHE B 32 -21.42 1.17 1.57
CA PHE B 32 -21.21 0.61 2.88
C PHE B 32 -19.80 0.00 3.00
N PHE B 33 -19.45 -0.92 2.11
CA PHE B 33 -18.20 -1.61 2.23
C PHE B 33 -16.96 -0.73 2.03
N GLU B 34 -17.09 0.39 1.31
CA GLU B 34 -15.95 1.29 1.22
C GLU B 34 -15.72 2.04 2.55
N ASP B 35 -16.77 2.21 3.33
CA ASP B 35 -16.66 2.86 4.64
C ASP B 35 -16.01 1.96 5.67
N VAL B 36 -16.41 0.69 5.67
CA VAL B 36 -16.05 -0.27 6.68
CA VAL B 36 -16.03 -0.24 6.71
C VAL B 36 -14.74 -1.01 6.38
N CYS B 37 -14.41 -1.15 5.08
CA CYS B 37 -13.14 -1.83 4.67
C CYS B 37 -12.12 -0.90 4.02
N THR B 38 -10.84 -1.26 4.11
CA THR B 38 -9.85 -0.60 3.26
C THR B 38 -10.01 -1.13 1.83
N ILE B 39 -9.37 -0.44 0.89
CA ILE B 39 -9.39 -0.90 -0.49
C ILE B 39 -8.79 -2.32 -0.59
N ASN B 40 -7.66 -2.54 0.10
CA ASN B 40 -6.97 -3.82 0.08
C ASN B 40 -7.80 -4.96 0.68
N GLU B 41 -8.59 -4.67 1.71
CA GLU B 41 -9.42 -5.69 2.31
C GLU B 41 -10.55 -6.09 1.34
N LEU B 42 -11.13 -5.10 0.67
CA LEU B 42 -12.26 -5.40 -0.18
C LEU B 42 -11.75 -6.15 -1.42
N LEU B 43 -10.62 -5.73 -1.95
CA LEU B 43 -9.97 -6.43 -3.04
C LEU B 43 -9.56 -7.85 -2.67
N SER B 44 -9.10 -8.06 -1.43
CA SER B 44 -8.78 -9.40 -0.99
CA SER B 44 -8.79 -9.41 -0.95
C SER B 44 -10.03 -10.29 -0.92
N LEU B 45 -11.12 -9.77 -0.42
CA LEU B 45 -12.37 -10.53 -0.44
C LEU B 45 -12.85 -10.89 -1.86
N SER B 46 -12.80 -9.90 -2.77
CA SER B 46 -13.18 -10.14 -4.16
CA SER B 46 -13.19 -10.15 -4.16
C SER B 46 -12.29 -11.17 -4.85
N GLN B 47 -10.98 -11.12 -4.55
CA GLN B 47 -10.06 -12.10 -5.10
C GLN B 47 -10.41 -13.52 -4.63
N ARG B 48 -10.74 -13.69 -3.34
CA ARG B 48 -11.08 -15.03 -2.85
C ARG B 48 -12.33 -15.55 -3.52
N PHE B 49 -13.30 -14.67 -3.73
CA PHE B 49 -14.56 -15.08 -4.36
C PHE B 49 -14.35 -15.50 -5.84
N GLU B 50 -13.53 -14.73 -6.55
CA GLU B 50 -13.14 -15.08 -7.92
C GLU B 50 -12.39 -16.44 -7.95
N VAL B 51 -11.43 -16.63 -7.05
CA VAL B 51 -10.71 -17.91 -6.93
C VAL B 51 -11.71 -19.06 -6.70
N ALA B 52 -12.61 -18.91 -5.73
CA ALA B 52 -13.67 -19.93 -5.49
C ALA B 52 -14.48 -20.28 -6.76
N LYS B 53 -14.83 -19.28 -7.57
CA LYS B 53 -15.60 -19.47 -8.79
C LYS B 53 -14.75 -20.32 -9.74
N LEU B 55 -12.09 -22.27 -9.06
CA LEU B 55 -11.91 -23.63 -8.53
C LEU B 55 -13.15 -24.47 -8.84
N THR B 56 -14.34 -23.90 -8.69
CA THR B 56 -15.55 -24.66 -9.02
CA THR B 56 -15.57 -24.62 -9.01
C THR B 56 -15.65 -24.90 -10.50
N ASP B 57 -15.07 -24.03 -11.34
CA ASP B 57 -15.06 -24.29 -12.77
C ASP B 57 -13.95 -25.31 -13.14
N LYS B 58 -13.25 -25.88 -12.15
CA LYS B 58 -12.21 -26.89 -12.39
C LYS B 58 -11.01 -26.34 -13.16
N ARG B 59 -10.67 -25.08 -12.91
CA ARG B 59 -9.51 -24.50 -13.59
C ARG B 59 -8.25 -24.91 -12.82
N THR B 60 -7.11 -24.90 -13.49
CA THR B 60 -5.84 -25.19 -12.85
C THR B 60 -5.36 -24.03 -11.94
N TYR B 61 -4.42 -24.30 -11.03
CA TYR B 61 -3.90 -23.22 -10.19
C TYR B 61 -3.20 -22.13 -10.97
N LEU B 62 -2.48 -22.49 -12.05
CA LEU B 62 -1.80 -21.43 -12.84
C LEU B 62 -2.83 -20.47 -13.52
N ASP B 63 -3.86 -21.06 -14.13
CA ASP B 63 -4.99 -20.31 -14.75
C ASP B 63 -5.58 -19.35 -13.67
N ILE B 64 -5.87 -19.89 -12.50
CA ILE B 64 -6.44 -19.14 -11.38
C ILE B 64 -5.48 -18.00 -10.95
N SER B 65 -4.22 -18.33 -10.69
CA SER B 65 -3.25 -17.35 -10.28
CA SER B 65 -3.25 -17.33 -10.26
C SER B 65 -3.08 -16.21 -11.31
N GLU B 66 -3.00 -16.56 -12.60
CA GLU B 66 -2.91 -15.57 -13.70
CA GLU B 66 -2.87 -15.55 -13.65
C GLU B 66 -4.09 -14.63 -13.71
N LYS B 67 -5.30 -15.20 -13.63
CA LYS B 67 -6.51 -14.39 -13.76
C LYS B 67 -6.77 -13.55 -12.52
N THR B 68 -6.55 -14.14 -11.34
CA THR B 68 -6.98 -13.51 -10.11
C THR B 68 -5.86 -12.78 -9.39
N GLY B 69 -4.61 -13.06 -9.74
CA GLY B 69 -3.47 -12.50 -8.99
C GLY B 69 -3.12 -13.35 -7.74
N ALA B 70 -3.89 -14.38 -7.43
CA ALA B 70 -3.70 -15.08 -6.14
C ALA B 70 -2.46 -16.00 -6.13
N SER B 71 -1.75 -16.06 -5.02
CA SER B 71 -0.67 -17.04 -4.84
C SER B 71 -1.25 -18.43 -4.56
N THR B 72 -0.42 -19.47 -4.64
CA THR B 72 -0.85 -20.81 -4.26
C THR B 72 -1.38 -20.89 -2.81
N ALA B 73 -0.72 -20.19 -1.89
CA ALA B 73 -1.20 -20.12 -0.48
C ALA B 73 -2.64 -19.60 -0.39
N THR B 74 -2.93 -18.50 -1.07
CA THR B 74 -4.29 -17.95 -1.08
C THR B 74 -5.29 -18.92 -1.76
N ILE B 75 -4.90 -19.49 -2.90
CA ILE B 75 -5.77 -20.43 -3.63
C ILE B 75 -6.07 -21.66 -2.73
N SER B 76 -5.04 -22.23 -2.13
CA SER B 76 -5.15 -23.37 -1.25
C SER B 76 -6.12 -23.10 -0.07
N ARG B 77 -6.06 -21.90 0.49
CA ARG B 77 -6.93 -21.57 1.59
C ARG B 77 -8.40 -21.46 1.10
N VAL B 78 -8.63 -20.87 -0.08
CA VAL B 78 -10.00 -20.87 -0.64
C VAL B 78 -10.46 -22.31 -0.93
N ASN B 79 -9.54 -23.13 -1.47
CA ASN B 79 -9.85 -24.49 -1.82
CA ASN B 79 -9.87 -24.51 -1.81
C ASN B 79 -10.29 -25.30 -0.56
N ARG B 80 -9.60 -25.04 0.53
CA ARG B 80 -9.93 -25.67 1.79
CA ARG B 80 -9.90 -25.62 1.82
C ARG B 80 -11.34 -25.27 2.27
N SER B 81 -11.69 -23.99 2.12
CA SER B 81 -13.03 -23.50 2.50
C SER B 81 -14.09 -24.09 1.62
N LEU B 82 -13.78 -24.17 0.35
CA LEU B 82 -14.64 -24.77 -0.66
C LEU B 82 -14.99 -26.22 -0.38
N ASN B 83 -14.01 -27.02 0.04
CA ASN B 83 -14.19 -28.46 0.17
C ASN B 83 -14.53 -28.93 1.57
N TYR B 84 -14.20 -28.11 2.54
CA TYR B 84 -14.33 -28.51 3.92
C TYR B 84 -14.96 -27.44 4.78
N GLY B 85 -15.66 -26.48 4.20
CA GLY B 85 -16.29 -25.41 4.98
C GLY B 85 -17.80 -25.60 5.09
N ASN B 86 -18.55 -24.51 4.95
CA ASN B 86 -19.99 -24.54 5.16
C ASN B 86 -20.78 -24.71 3.88
N ASP B 87 -20.10 -24.89 2.75
CA ASP B 87 -20.80 -24.86 1.46
C ASP B 87 -21.43 -23.48 1.13
N GLY B 88 -20.92 -22.43 1.79
CA GLY B 88 -21.39 -21.06 1.55
C GLY B 88 -21.12 -20.52 0.16
N TYR B 89 -19.98 -20.84 -0.44
CA TYR B 89 -19.72 -20.44 -1.84
C TYR B 89 -20.75 -21.10 -2.80
N GLU B 90 -20.92 -22.41 -2.66
CA GLU B 90 -21.89 -23.10 -3.51
C GLU B 90 -23.32 -22.63 -3.29
N VAL B 92 -24.28 -19.51 -2.56
CA VAL B 92 -24.51 -18.28 -3.33
C VAL B 92 -24.37 -18.52 -4.87
N PHE B 93 -23.46 -19.38 -5.28
CA PHE B 93 -23.37 -19.77 -6.72
C PHE B 93 -24.73 -20.27 -7.28
N SER B 94 -25.39 -21.17 -6.56
CA SER B 94 -26.70 -21.71 -7.04
C SER B 94 -27.75 -20.61 -7.11
N ARG B 95 -27.79 -19.82 -6.05
CA ARG B 95 -28.84 -18.86 -5.92
C ARG B 95 -28.67 -17.83 -7.02
N LYS B 97 -27.41 -18.40 -10.01
CA LYS B 97 -27.93 -19.06 -11.21
C LYS B 97 -29.46 -19.03 -11.32
N GLU B 98 -30.15 -19.23 -10.20
CA GLU B 98 -31.61 -19.20 -10.17
C GLU B 98 -32.00 -17.84 -10.70
N LYS B 99 -31.53 -16.80 -10.01
CA LYS B 99 -31.77 -15.38 -10.36
C LYS B 99 -31.95 -15.11 -11.84
N GLU B 100 -31.00 -15.55 -12.69
CA GLU B 100 -31.24 -15.67 -14.13
C GLU B 100 -30.44 -16.74 -14.85
N ARG C 9 -13.26 13.53 -0.77
CA ARG C 9 -13.23 14.66 0.17
C ARG C 9 -11.86 14.69 0.90
N THR C 10 -11.41 13.52 1.36
CA THR C 10 -10.12 13.39 2.05
C THR C 10 -8.94 13.86 1.18
N GLU C 11 -8.95 13.49 -0.10
CA GLU C 11 -7.87 13.95 -0.97
C GLU C 11 -7.84 15.48 -1.13
N GLU C 12 -8.99 16.14 -1.07
CA GLU C 12 -9.01 17.59 -1.25
C GLU C 12 -8.65 18.28 0.06
N VAL C 13 -9.05 17.71 1.21
CA VAL C 13 -8.57 18.21 2.49
C VAL C 13 -7.04 18.04 2.56
N ASP C 14 -6.52 16.89 2.14
CA ASP C 14 -5.08 16.66 2.06
C ASP C 14 -4.38 17.79 1.33
N HIS C 15 -5.01 18.26 0.26
CA HIS C 15 -4.38 19.28 -0.61
C HIS C 15 -4.26 20.58 0.18
N LEU C 16 -5.32 20.96 0.88
CA LEU C 16 -5.26 22.13 1.73
C LEU C 16 -4.19 21.97 2.83
N PHE C 17 -4.17 20.79 3.46
CA PHE C 17 -3.12 20.52 4.46
C PHE C 17 -1.70 20.62 3.93
N GLU C 18 -1.45 20.13 2.72
CA GLU C 18 -0.11 20.25 2.15
C GLU C 18 0.29 21.73 2.02
N ALA C 19 -0.66 22.56 1.60
CA ALA C 19 -0.45 23.99 1.50
C ALA C 19 -0.10 24.57 2.87
N ILE C 20 -0.91 24.22 3.90
CA ILE C 20 -0.67 24.74 5.26
C ILE C 20 0.70 24.28 5.79
N LEU C 21 1.04 23.02 5.52
CA LEU C 21 2.37 22.51 5.88
C LEU C 21 3.58 23.26 5.25
N CYS C 22 3.41 23.88 4.08
CA CYS C 22 4.56 24.56 3.48
CA CYS C 22 4.44 24.66 3.38
C CYS C 22 4.77 25.99 4.01
N LEU C 23 3.84 26.48 4.86
CA LEU C 23 3.99 27.81 5.48
C LEU C 23 5.14 27.70 6.49
N LYS C 24 5.94 28.75 6.64
CA LYS C 24 7.18 28.67 7.42
C LYS C 24 7.28 29.65 8.58
N ASN C 25 6.50 30.71 8.57
CA ASN C 25 6.54 31.70 9.64
C ASN C 25 5.19 32.39 9.77
N LYS C 26 4.99 33.12 10.87
CA LYS C 26 3.76 33.84 11.14
C LYS C 26 3.33 34.77 10.01
N GLU C 27 4.29 35.40 9.33
CA GLU C 27 3.98 36.31 8.24
C GLU C 27 3.35 35.60 7.06
N GLU C 28 3.92 34.45 6.67
CA GLU C 28 3.30 33.62 5.67
C GLU C 28 1.90 33.13 6.09
N CYS C 29 1.68 32.93 7.39
CA CYS C 29 0.35 32.50 7.88
C CYS C 29 -0.68 33.60 7.69
N TYR C 30 -0.32 34.81 8.08
CA TYR C 30 -1.16 35.98 7.82
C TYR C 30 -1.49 36.12 6.34
N THR C 31 -0.47 35.98 5.48
CA THR C 31 -0.65 36.07 4.03
C THR C 31 -1.67 35.05 3.51
N PHE C 32 -1.49 33.78 3.89
CA PHE C 32 -2.37 32.72 3.41
C PHE C 32 -3.76 32.79 4.07
N PHE C 33 -3.78 32.76 5.41
CA PHE C 33 -5.08 32.66 6.09
C PHE C 33 -5.98 33.88 5.91
N GLU C 34 -5.40 35.06 5.74
CA GLU C 34 -6.18 36.22 5.39
C GLU C 34 -6.86 36.10 4.04
N ASP C 35 -6.24 35.38 3.11
CA ASP C 35 -6.86 35.11 1.80
C ASP C 35 -8.02 34.10 1.89
N VAL C 36 -7.78 32.99 2.57
CA VAL C 36 -8.70 31.87 2.61
C VAL C 36 -9.87 32.17 3.56
N CYS C 37 -9.63 32.91 4.66
CA CYS C 37 -10.66 33.15 5.70
C CYS C 37 -11.18 34.54 5.60
N THR C 38 -12.43 34.76 6.01
CA THR C 38 -12.85 36.13 6.22
C THR C 38 -12.23 36.63 7.52
N ILE C 39 -12.27 37.95 7.71
CA ILE C 39 -11.89 38.58 8.98
C ILE C 39 -12.54 37.91 10.19
N ASN C 40 -13.86 37.83 10.20
CA ASN C 40 -14.55 37.26 11.33
C ASN C 40 -14.25 35.78 11.52
N GLU C 41 -13.99 35.01 10.44
CA GLU C 41 -13.63 33.61 10.63
C GLU C 41 -12.29 33.45 11.32
N LEU C 42 -11.32 34.22 10.86
CA LEU C 42 -9.99 34.14 11.46
C LEU C 42 -10.02 34.59 12.94
N LEU C 43 -10.79 35.64 13.25
CA LEU C 43 -10.94 36.07 14.64
C LEU C 43 -11.61 34.97 15.44
N SER C 44 -12.66 34.38 14.88
CA SER C 44 -13.36 33.32 15.58
C SER C 44 -12.53 32.05 15.82
N LEU C 45 -11.77 31.59 14.84
CA LEU C 45 -10.84 30.48 15.04
C LEU C 45 -9.78 30.79 16.10
N SER C 46 -9.19 31.96 16.02
CA SER C 46 -8.11 32.30 16.91
CA SER C 46 -8.10 32.36 16.92
C SER C 46 -8.61 32.57 18.38
N GLN C 47 -9.85 33.06 18.49
CA GLN C 47 -10.51 33.19 19.79
C GLN C 47 -10.73 31.81 20.45
N ARG C 48 -11.20 30.82 19.67
CA ARG C 48 -11.41 29.48 20.22
C ARG C 48 -10.11 28.89 20.68
N PHE C 49 -9.07 29.16 19.91
CA PHE C 49 -7.78 28.67 20.24
C PHE C 49 -7.34 29.21 21.59
N GLU C 50 -7.38 30.52 21.74
CA GLU C 50 -6.94 31.17 22.96
C GLU C 50 -7.76 30.69 24.17
N VAL C 51 -9.07 30.56 23.98
CA VAL C 51 -9.99 30.04 25.01
C VAL C 51 -9.57 28.61 25.41
N ALA C 52 -9.22 27.78 24.42
CA ALA C 52 -8.75 26.39 24.69
C ALA C 52 -7.45 26.41 25.52
N LYS C 53 -6.53 27.28 25.12
CA LYS C 53 -5.27 27.42 25.85
C LYS C 53 -5.53 27.92 27.31
N LEU C 55 -8.38 27.67 29.20
CA LEU C 55 -9.05 26.62 29.96
C LEU C 55 -8.05 25.55 30.37
N THR C 56 -7.14 25.21 29.49
CA THR C 56 -6.07 24.27 29.80
C THR C 56 -5.23 24.80 30.92
N ASP C 57 -5.02 26.13 30.92
CA ASP C 57 -4.24 26.71 31.98
C ASP C 57 -5.08 27.00 33.24
N LYS C 58 -6.31 26.45 33.34
CA LYS C 58 -7.17 26.62 34.51
C LYS C 58 -7.64 28.07 34.79
N ARG C 59 -7.79 28.89 33.74
CA ARG C 59 -8.25 30.28 33.97
C ARG C 59 -9.75 30.27 34.11
N THR C 60 -10.27 31.29 34.74
CA THR C 60 -11.70 31.34 35.03
C THR C 60 -12.44 31.90 33.79
N TYR C 61 -13.75 31.73 33.75
CA TYR C 61 -14.48 32.28 32.59
C TYR C 61 -14.40 33.76 32.46
N LEU C 62 -14.45 34.51 33.57
CA LEU C 62 -14.38 35.97 33.42
C LEU C 62 -13.03 36.40 32.78
N ASP C 63 -11.93 35.81 33.27
CA ASP C 63 -10.54 36.12 32.79
C ASP C 63 -10.48 35.78 31.29
N ILE C 64 -11.04 34.63 30.92
CA ILE C 64 -11.07 34.21 29.50
C ILE C 64 -11.90 35.21 28.66
N SER C 65 -13.05 35.59 29.19
CA SER C 65 -13.94 36.48 28.46
CA SER C 65 -13.96 36.50 28.47
C SER C 65 -13.30 37.86 28.27
N GLU C 66 -12.65 38.38 29.30
CA GLU C 66 -12.02 39.68 29.18
C GLU C 66 -10.86 39.65 28.19
N LYS C 67 -10.10 38.56 28.16
CA LYS C 67 -8.94 38.47 27.25
C LYS C 67 -9.37 38.29 25.81
N THR C 68 -10.31 37.37 25.56
CA THR C 68 -10.66 36.93 24.22
C THR C 68 -11.97 37.51 23.63
N GLY C 69 -12.77 38.17 24.45
CA GLY C 69 -14.14 38.57 24.04
C GLY C 69 -15.12 37.38 24.07
N ALA C 70 -14.67 36.17 24.39
CA ALA C 70 -15.59 35.01 24.25
C ALA C 70 -16.73 35.05 25.27
N SER C 71 -17.94 34.76 24.83
CA SER C 71 -19.10 34.60 25.72
C SER C 71 -19.03 33.26 26.50
N THR C 72 -19.83 33.11 27.54
CA THR C 72 -19.96 31.82 28.28
C THR C 72 -20.33 30.66 27.32
N ALA C 73 -21.23 30.92 26.38
CA ALA C 73 -21.64 29.87 25.46
C ALA C 73 -20.47 29.36 24.59
N THR C 74 -19.69 30.29 24.09
CA THR C 74 -18.53 29.97 23.30
C THR C 74 -17.50 29.21 24.16
N ILE C 75 -17.28 29.69 25.39
CA ILE C 75 -16.28 29.05 26.25
C ILE C 75 -16.70 27.63 26.58
N SER C 76 -17.98 27.45 26.87
CA SER C 76 -18.58 26.15 27.18
C SER C 76 -18.46 25.14 26.04
N ARG C 77 -18.76 25.63 24.83
CA ARG C 77 -18.54 24.84 23.59
C ARG C 77 -17.07 24.37 23.48
N VAL C 78 -16.10 25.26 23.59
CA VAL C 78 -14.68 24.88 23.64
C VAL C 78 -14.41 23.92 24.80
N ASN C 79 -14.95 24.21 25.98
CA ASN C 79 -14.67 23.33 27.08
C ASN C 79 -15.14 21.87 26.79
N ARG C 80 -16.33 21.73 26.20
CA ARG C 80 -16.95 20.43 25.99
C ARG C 80 -16.11 19.65 24.98
N SER C 81 -15.53 20.35 24.02
CA SER C 81 -14.65 19.75 23.04
C SER C 81 -13.40 19.20 23.66
N LEU C 82 -12.83 20.05 24.52
CA LEU C 82 -11.58 19.79 25.20
C LEU C 82 -11.73 18.55 26.03
N ASN C 83 -12.84 18.44 26.75
CA ASN C 83 -13.09 17.27 27.54
C ASN C 83 -13.35 16.01 26.71
N TYR C 84 -13.98 16.16 25.54
CA TYR C 84 -14.25 15.01 24.71
C TYR C 84 -12.96 14.48 24.05
N GLY C 85 -12.21 15.37 23.40
CA GLY C 85 -10.93 14.94 22.86
C GLY C 85 -10.04 16.15 22.66
N ASN C 86 -8.83 16.10 23.19
CA ASN C 86 -7.92 17.24 23.08
C ASN C 86 -6.53 16.84 22.60
N ASP C 87 -6.45 15.78 21.81
CA ASP C 87 -5.15 15.30 21.39
C ASP C 87 -4.44 16.37 20.55
N GLY C 88 -5.23 17.12 19.77
CA GLY C 88 -4.71 18.13 18.84
C GLY C 88 -4.11 19.28 19.61
N TYR C 89 -4.94 19.82 20.52
CA TYR C 89 -4.56 20.92 21.39
C TYR C 89 -3.33 20.57 22.26
N GLU C 90 -3.30 19.37 22.87
CA GLU C 90 -2.22 18.99 23.77
C GLU C 90 -0.95 18.85 23.00
N VAL C 92 -0.09 20.48 20.18
CA VAL C 92 0.51 21.74 19.85
C VAL C 92 0.95 22.51 21.12
N PHE C 93 0.20 22.38 22.20
CA PHE C 93 0.62 23.06 23.42
C PHE C 93 2.00 22.53 23.91
N SER C 94 2.20 21.21 23.87
CA SER C 94 3.50 20.64 24.29
C SER C 94 4.64 21.22 23.48
N ARG C 95 4.46 21.24 22.17
CA ARG C 95 5.51 21.68 21.25
C ARG C 95 5.77 23.17 21.36
N LYS C 97 5.36 24.81 24.18
CA LYS C 97 6.06 24.98 25.46
C LYS C 97 7.54 24.64 25.34
N GLU C 98 7.85 23.58 24.60
CA GLU C 98 9.23 23.19 24.30
C GLU C 98 10.00 24.26 23.56
N LYS C 99 9.40 24.82 22.51
CA LYS C 99 10.06 25.87 21.73
C LYS C 99 10.23 27.19 22.48
N GLU C 100 9.39 27.42 23.49
CA GLU C 100 9.44 28.66 24.28
C GLU C 100 10.64 28.70 25.23
N THR C 101 11.12 27.52 25.64
CA THR C 101 12.18 27.38 26.65
C THR C 101 13.59 27.73 26.14
N ILE D 8 -4.59 43.76 10.53
CA ILE D 8 -4.72 43.52 12.01
C ILE D 8 -4.04 42.24 12.50
N ARG D 9 -3.30 42.38 13.60
CA ARG D 9 -2.46 41.33 14.21
C ARG D 9 -2.77 41.27 15.68
N THR D 10 -3.27 40.15 16.17
CA THR D 10 -3.56 40.10 17.57
C THR D 10 -2.82 38.93 18.14
N GLU D 11 -2.61 38.99 19.45
CA GLU D 11 -2.00 37.90 20.18
C GLU D 11 -2.69 36.53 19.95
N GLU D 12 -4.02 36.52 20.00
CA GLU D 12 -4.75 35.26 19.82
C GLU D 12 -4.49 34.67 18.42
N VAL D 13 -4.38 35.52 17.40
CA VAL D 13 -4.01 35.08 16.01
C VAL D 13 -2.55 34.58 15.97
N ASP D 14 -1.61 35.37 16.48
CA ASP D 14 -0.21 34.89 16.57
C ASP D 14 -0.11 33.49 17.21
N HIS D 15 -0.83 33.27 18.33
CA HIS D 15 -0.74 31.97 19.02
C HIS D 15 -1.22 30.84 18.12
N LEU D 16 -2.38 31.07 17.49
CA LEU D 16 -2.96 30.09 16.58
C LEU D 16 -1.92 29.70 15.50
N PHE D 17 -1.28 30.70 14.91
CA PHE D 17 -0.30 30.45 13.81
C PHE D 17 0.94 29.67 14.32
N GLU D 18 1.39 29.98 15.53
CA GLU D 18 2.53 29.23 16.18
C GLU D 18 2.20 27.75 16.32
N ALA D 19 0.95 27.47 16.68
CA ALA D 19 0.48 26.11 16.80
C ALA D 19 0.45 25.46 15.42
N ILE D 20 -0.04 26.18 14.42
CA ILE D 20 -0.12 25.65 13.04
C ILE D 20 1.31 25.37 12.50
N LEU D 21 2.24 26.27 12.79
CA LEU D 21 3.61 26.10 12.36
C LEU D 21 4.31 24.91 13.03
N CYS D 22 3.80 24.42 14.16
CA CYS D 22 4.29 23.23 14.86
CA CYS D 22 4.44 23.24 14.71
C CYS D 22 3.87 21.93 14.15
N LEU D 23 2.93 22.00 13.23
CA LEU D 23 2.43 20.74 12.60
C LEU D 23 3.41 20.22 11.58
N LYS D 24 3.57 18.88 11.50
CA LYS D 24 4.58 18.28 10.61
C LYS D 24 4.08 17.42 9.47
N ASN D 25 2.87 16.91 9.56
CA ASN D 25 2.37 16.06 8.51
C ASN D 25 0.84 16.15 8.49
N LYS D 26 0.24 15.63 7.42
CA LYS D 26 -1.21 15.69 7.24
C LYS D 26 -1.97 15.05 8.40
N GLU D 27 -1.41 13.97 8.96
CA GLU D 27 -2.07 13.31 10.08
CA GLU D 27 -2.04 13.28 10.08
C GLU D 27 -2.20 14.26 11.26
N GLU D 28 -1.15 14.99 11.54
CA GLU D 28 -1.23 15.98 12.63
C GLU D 28 -2.20 17.12 12.31
N CYS D 29 -2.32 17.46 11.03
CA CYS D 29 -3.28 18.49 10.64
C CYS D 29 -4.70 17.98 10.89
N TYR D 30 -5.00 16.72 10.60
CA TYR D 30 -6.33 16.21 10.93
C TYR D 30 -6.55 16.29 12.45
N THR D 31 -5.58 15.82 13.22
CA THR D 31 -5.70 15.85 14.68
C THR D 31 -5.96 17.26 15.20
N PHE D 32 -5.18 18.23 14.72
CA PHE D 32 -5.33 19.60 15.22
C PHE D 32 -6.59 20.29 14.69
N PHE D 33 -6.81 20.26 13.38
CA PHE D 33 -7.90 21.08 12.84
C PHE D 33 -9.26 20.49 13.21
N GLU D 34 -9.35 19.18 13.40
CA GLU D 34 -10.57 18.58 13.92
C GLU D 34 -10.83 18.98 15.41
N ASP D 35 -9.80 19.27 16.20
CA ASP D 35 -9.99 19.87 17.55
C ASP D 35 -10.48 21.30 17.45
N VAL D 36 -9.92 22.07 16.53
CA VAL D 36 -10.22 23.48 16.50
C VAL D 36 -11.42 23.88 15.64
N CYS D 37 -11.70 23.15 14.55
CA CYS D 37 -12.78 23.57 13.62
C CYS D 37 -13.86 22.55 13.68
N THR D 38 -15.08 22.91 13.31
CA THR D 38 -16.09 21.87 13.06
C THR D 38 -15.75 21.21 11.71
N ILE D 39 -16.34 20.04 11.46
CA ILE D 39 -16.18 19.43 10.12
C ILE D 39 -16.63 20.37 8.98
N ASN D 40 -17.78 21.02 9.15
CA ASN D 40 -18.28 21.95 8.13
C ASN D 40 -17.31 23.08 7.85
N GLU D 41 -16.68 23.62 8.89
CA GLU D 41 -15.65 24.68 8.72
C GLU D 41 -14.47 24.18 7.92
N LEU D 42 -13.99 22.97 8.27
CA LEU D 42 -12.84 22.38 7.56
C LEU D 42 -13.21 22.16 6.08
N LEU D 43 -14.43 21.69 5.85
CA LEU D 43 -14.87 21.39 4.48
C LEU D 43 -14.97 22.68 3.68
N SER D 44 -15.43 23.75 4.34
CA SER D 44 -15.59 25.03 3.70
C SER D 44 -14.21 25.62 3.32
N LEU D 45 -13.20 25.44 4.18
CA LEU D 45 -11.84 25.86 3.83
C LEU D 45 -11.26 25.03 2.70
N SER D 46 -11.52 23.73 2.73
CA SER D 46 -11.03 22.85 1.71
C SER D 46 -11.66 23.22 0.35
N GLN D 47 -12.96 23.49 0.37
CA GLN D 47 -13.68 23.90 -0.82
C GLN D 47 -13.08 25.17 -1.45
N ARG D 48 -12.81 26.20 -0.64
CA ARG D 48 -12.19 27.45 -1.14
C ARG D 48 -10.83 27.23 -1.76
N PHE D 49 -10.02 26.36 -1.14
CA PHE D 49 -8.70 26.09 -1.67
C PHE D 49 -8.82 25.37 -3.00
N GLU D 50 -9.80 24.47 -3.10
CA GLU D 50 -10.03 23.71 -4.35
C GLU D 50 -10.53 24.67 -5.43
N VAL D 51 -11.42 25.55 -5.05
CA VAL D 51 -11.88 26.57 -5.97
C VAL D 51 -10.71 27.43 -6.45
N ALA D 52 -9.86 27.87 -5.54
CA ALA D 52 -8.72 28.69 -5.95
C ALA D 52 -7.86 27.96 -6.96
N LYS D 53 -7.58 26.68 -6.73
CA LYS D 53 -6.76 25.92 -7.69
C LYS D 53 -7.42 25.88 -9.08
N LEU D 55 -9.68 27.94 -10.37
CA LEU D 55 -9.70 29.27 -11.00
C LEU D 55 -8.37 29.56 -11.66
N THR D 56 -7.27 29.23 -10.97
CA THR D 56 -5.94 29.49 -11.55
C THR D 56 -5.71 28.55 -12.76
N ASP D 57 -6.42 27.42 -12.81
CA ASP D 57 -6.42 26.54 -13.98
C ASP D 57 -7.35 27.09 -15.07
N LYS D 58 -8.02 28.21 -14.80
CA LYS D 58 -8.94 28.83 -15.79
C LYS D 58 -10.11 27.91 -16.14
N ARG D 59 -10.55 27.10 -15.19
CA ARG D 59 -11.76 26.28 -15.38
C ARG D 59 -13.01 27.19 -15.32
N THR D 60 -14.06 26.81 -16.05
CA THR D 60 -15.31 27.57 -16.01
C THR D 60 -15.96 27.44 -14.62
N TYR D 61 -16.87 28.34 -14.30
CA TYR D 61 -17.58 28.30 -13.00
C TYR D 61 -18.43 27.06 -12.88
N LEU D 62 -19.03 26.65 -13.99
CA LEU D 62 -19.86 25.46 -14.01
C LEU D 62 -19.04 24.22 -13.64
N ASP D 63 -17.81 24.15 -14.15
CA ASP D 63 -16.90 23.03 -13.87
C ASP D 63 -16.57 23.05 -12.38
N ILE D 64 -16.24 24.24 -11.88
CA ILE D 64 -15.80 24.43 -10.53
C ILE D 64 -16.95 24.11 -9.56
N SER D 65 -18.15 24.63 -9.82
CA SER D 65 -19.34 24.27 -9.04
C SER D 65 -19.55 22.76 -9.00
N GLU D 66 -19.53 22.14 -10.18
CA GLU D 66 -19.75 20.72 -10.28
C GLU D 66 -18.71 19.97 -9.46
N LYS D 67 -17.42 20.31 -9.60
CA LYS D 67 -16.37 19.55 -8.88
C LYS D 67 -16.34 19.81 -7.35
N THR D 68 -16.47 21.07 -6.96
CA THR D 68 -16.22 21.45 -5.57
C THR D 68 -17.51 21.60 -4.75
N GLY D 69 -18.66 21.67 -5.41
CA GLY D 69 -19.92 22.00 -4.72
C GLY D 69 -20.11 23.48 -4.38
N ALA D 70 -19.14 24.32 -4.77
CA ALA D 70 -19.23 25.74 -4.43
C ALA D 70 -20.35 26.44 -5.18
N SER D 71 -20.99 27.39 -4.50
CA SER D 71 -21.94 28.29 -5.15
C SER D 71 -21.16 29.33 -5.92
N THR D 72 -21.87 30.01 -6.82
CA THR D 72 -21.35 31.16 -7.58
C THR D 72 -20.79 32.20 -6.65
N ALA D 73 -21.59 32.54 -5.64
CA ALA D 73 -21.17 33.46 -4.59
C ALA D 73 -19.79 33.08 -3.98
N THR D 74 -19.60 31.81 -3.66
CA THR D 74 -18.32 31.36 -3.10
C THR D 74 -17.20 31.52 -4.10
N ILE D 75 -17.48 31.16 -5.35
CA ILE D 75 -16.46 31.19 -6.38
C ILE D 75 -15.97 32.62 -6.61
N SER D 76 -16.93 33.51 -6.68
CA SER D 76 -16.66 34.93 -6.86
CA SER D 76 -16.64 34.93 -6.88
C SER D 76 -15.84 35.53 -5.71
N ARG D 77 -16.12 35.09 -4.49
CA ARG D 77 -15.40 35.57 -3.34
C ARG D 77 -13.94 35.10 -3.38
N VAL D 78 -13.74 33.83 -3.70
CA VAL D 78 -12.39 33.31 -3.83
C VAL D 78 -11.67 34.06 -5.00
N ASN D 79 -12.38 34.25 -6.10
CA ASN D 79 -11.83 34.94 -7.29
C ASN D 79 -11.32 36.34 -6.91
N ARG D 80 -12.09 37.06 -6.10
CA ARG D 80 -11.69 38.40 -5.66
C ARG D 80 -10.43 38.32 -4.80
N SER D 81 -10.38 37.30 -3.94
CA SER D 81 -9.21 37.10 -3.09
CA SER D 81 -9.21 37.09 -3.08
C SER D 81 -7.96 36.77 -3.90
N LEU D 82 -8.10 35.87 -4.85
CA LEU D 82 -7.04 35.53 -5.77
C LEU D 82 -6.50 36.77 -6.45
N ASN D 83 -7.40 37.63 -6.91
CA ASN D 83 -6.98 38.83 -7.59
C ASN D 83 -6.41 39.94 -6.74
N TYR D 84 -7.17 40.36 -5.72
CA TYR D 84 -6.89 41.60 -4.97
C TYR D 84 -6.32 41.35 -3.59
N GLY D 85 -6.08 40.09 -3.26
CA GLY D 85 -5.67 39.67 -1.93
C GLY D 85 -4.17 39.77 -1.75
N ASN D 86 -3.64 38.87 -0.94
CA ASN D 86 -2.24 38.90 -0.53
C ASN D 86 -1.38 38.05 -1.47
N ASP D 87 -1.97 37.46 -2.50
CA ASP D 87 -1.26 36.45 -3.32
C ASP D 87 -0.78 35.25 -2.45
N GLY D 88 -1.56 34.94 -1.39
CA GLY D 88 -1.24 33.81 -0.51
C GLY D 88 -1.52 32.47 -1.17
N TYR D 89 -2.58 32.42 -1.96
CA TYR D 89 -2.86 31.22 -2.74
C TYR D 89 -1.71 30.94 -3.75
N GLU D 90 -1.26 31.99 -4.44
CA GLU D 90 -0.20 31.81 -5.44
C GLU D 90 1.09 31.41 -4.72
N VAL D 92 1.47 29.59 -1.94
CA VAL D 92 1.53 28.16 -1.60
C VAL D 92 1.59 27.24 -2.82
N PHE D 93 0.84 27.59 -3.87
CA PHE D 93 0.87 26.89 -5.17
C PHE D 93 2.32 26.82 -5.70
N SER D 94 2.98 27.97 -5.70
CA SER D 94 4.39 28.05 -6.08
CA SER D 94 4.39 28.06 -6.09
C SER D 94 5.28 27.18 -5.21
N ARG D 95 5.10 27.27 -3.89
CA ARG D 95 5.94 26.49 -2.98
C ARG D 95 5.77 24.97 -3.15
N LYS D 97 4.89 23.43 -5.85
CA LYS D 97 5.54 23.14 -7.13
C LYS D 97 7.02 22.76 -6.95
N GLU D 98 7.80 23.62 -6.30
CA GLU D 98 9.23 23.33 -6.12
C GLU D 98 9.48 22.04 -5.29
N LYS D 99 8.53 21.67 -4.44
CA LYS D 99 8.71 20.51 -3.57
C LYS D 99 7.56 19.50 -3.64
N LYS E 7 18.18 18.31 -12.57
CA LYS E 7 17.96 18.21 -14.07
C LYS E 7 17.92 16.78 -14.63
N ILE E 8 17.00 16.54 -15.56
CA ILE E 8 16.84 15.22 -16.16
C ILE E 8 17.78 14.98 -17.36
N ARG E 9 18.30 16.06 -17.99
CA ARG E 9 19.19 15.91 -19.16
C ARG E 9 20.59 15.48 -18.78
N THR E 10 20.84 14.18 -18.84
CA THR E 10 22.10 13.59 -18.45
C THR E 10 22.31 12.33 -19.25
N GLU E 11 23.56 11.92 -19.27
CA GLU E 11 23.98 10.74 -19.97
C GLU E 11 23.35 9.47 -19.41
N GLU E 12 23.06 9.45 -18.12
CA GLU E 12 22.41 8.28 -17.49
C GLU E 12 20.96 8.19 -17.97
N VAL E 13 20.27 9.33 -17.98
CA VAL E 13 18.92 9.38 -18.52
C VAL E 13 18.89 8.99 -20.02
N ASP E 14 19.86 9.48 -20.80
CA ASP E 14 20.05 9.02 -22.19
C ASP E 14 20.08 7.50 -22.28
N HIS E 15 20.82 6.83 -21.39
CA HIS E 15 20.94 5.35 -21.46
C HIS E 15 19.61 4.75 -21.17
N LEU E 16 18.94 5.24 -20.15
CA LEU E 16 17.60 4.75 -19.84
C LEU E 16 16.67 4.85 -21.07
N PHE E 17 16.76 5.97 -21.79
CA PHE E 17 15.92 6.19 -22.97
C PHE E 17 16.29 5.25 -24.12
N GLU E 18 17.59 5.02 -24.29
CA GLU E 18 18.12 3.98 -25.17
C GLU E 18 17.53 2.61 -24.89
N ALA E 19 17.36 2.26 -23.61
CA ALA E 19 16.72 1.02 -23.26
C ALA E 19 15.25 1.06 -23.70
N ILE E 20 14.57 2.17 -23.42
CA ILE E 20 13.13 2.23 -23.68
C ILE E 20 12.84 2.14 -25.17
N LEU E 21 13.69 2.79 -25.97
CA LEU E 21 13.54 2.81 -27.42
C LEU E 21 13.78 1.43 -28.06
N CYS E 22 14.50 0.54 -27.39
CA CYS E 22 14.68 -0.78 -27.97
CA CYS E 22 14.71 -0.83 -27.82
C CYS E 22 13.49 -1.72 -27.64
N LEU E 23 12.51 -1.29 -26.84
CA LEU E 23 11.34 -2.16 -26.57
C LEU E 23 10.57 -2.24 -27.85
N LYS E 24 10.19 -3.46 -28.25
CA LYS E 24 9.57 -3.68 -29.57
C LYS E 24 8.05 -3.67 -29.56
N ASN E 25 7.44 -3.96 -28.42
CA ASN E 25 6.02 -4.20 -28.43
C ASN E 25 5.46 -4.10 -27.02
N LYS E 26 4.14 -4.10 -26.90
CA LYS E 26 3.52 -3.93 -25.61
C LYS E 26 3.98 -4.93 -24.49
N GLU E 27 4.09 -6.22 -24.82
CA GLU E 27 4.50 -7.22 -23.81
C GLU E 27 5.91 -6.97 -23.27
N GLU E 28 6.80 -6.48 -24.11
CA GLU E 28 8.14 -6.09 -23.70
C GLU E 28 8.12 -4.88 -22.79
N CYS E 29 7.20 -3.92 -23.04
CA CYS E 29 6.97 -2.84 -22.04
C CYS E 29 6.52 -3.35 -20.64
N TYR E 30 5.54 -4.24 -20.60
CA TYR E 30 5.15 -4.86 -19.32
C TYR E 30 6.39 -5.55 -18.68
N THR E 31 7.13 -6.32 -19.46
CA THR E 31 8.32 -7.00 -18.95
C THR E 31 9.32 -5.99 -18.32
N PHE E 32 9.61 -4.93 -19.06
CA PHE E 32 10.58 -3.97 -18.63
C PHE E 32 10.04 -3.05 -17.52
N PHE E 33 8.88 -2.44 -17.74
CA PHE E 33 8.41 -1.47 -16.76
C PHE E 33 8.01 -2.08 -15.44
N GLU E 34 7.56 -3.34 -15.47
CA GLU E 34 7.22 -4.01 -14.23
C GLU E 34 8.50 -4.28 -13.41
N ASP E 35 9.63 -4.44 -14.08
CA ASP E 35 10.90 -4.65 -13.41
C ASP E 35 11.42 -3.33 -12.83
N VAL E 36 11.31 -2.24 -13.60
CA VAL E 36 11.92 -0.99 -13.24
C VAL E 36 11.08 -0.11 -12.34
N CYS E 37 9.77 -0.32 -12.32
CA CYS E 37 8.86 0.52 -11.54
C CYS E 37 8.12 -0.29 -10.55
N THR E 38 7.58 0.35 -9.53
CA THR E 38 6.60 -0.34 -8.71
C THR E 38 5.24 -0.26 -9.39
N ILE E 39 4.32 -1.07 -8.91
CA ILE E 39 2.94 -1.06 -9.35
C ILE E 39 2.34 0.35 -9.23
N ASN E 40 2.43 0.97 -8.05
CA ASN E 40 1.87 2.32 -7.87
C ASN E 40 2.50 3.40 -8.78
N GLU E 41 3.80 3.28 -9.07
CA GLU E 41 4.44 4.23 -9.97
C GLU E 41 3.85 4.10 -11.39
N LEU E 42 3.68 2.84 -11.81
CA LEU E 42 3.31 2.59 -13.19
C LEU E 42 1.86 3.03 -13.34
N LEU E 43 1.06 2.70 -12.35
CA LEU E 43 -0.33 3.12 -12.30
C LEU E 43 -0.49 4.63 -12.24
N SER E 44 0.44 5.34 -11.57
CA SER E 44 0.36 6.82 -11.49
CA SER E 44 0.39 6.80 -11.48
C SER E 44 0.63 7.45 -12.84
N LEU E 45 1.55 6.87 -13.60
CA LEU E 45 1.85 7.40 -14.92
C LEU E 45 0.64 7.18 -15.85
N SER E 46 0.02 6.00 -15.77
CA SER E 46 -1.12 5.67 -16.65
CA SER E 46 -1.13 5.66 -16.63
C SER E 46 -2.35 6.50 -16.23
N GLN E 47 -2.49 6.75 -14.93
CA GLN E 47 -3.48 7.77 -14.50
C GLN E 47 -3.25 9.18 -15.14
N ARG E 48 -2.03 9.72 -15.10
CA ARG E 48 -1.74 11.03 -15.72
C ARG E 48 -2.02 11.03 -17.21
N PHE E 49 -1.67 9.92 -17.86
CA PHE E 49 -1.88 9.81 -19.29
C PHE E 49 -3.36 9.82 -19.63
N GLU E 50 -4.16 9.05 -18.88
CA GLU E 50 -5.63 9.11 -19.06
C GLU E 50 -6.25 10.50 -18.73
N VAL E 51 -5.76 11.14 -17.67
CA VAL E 51 -6.17 12.50 -17.34
C VAL E 51 -5.81 13.47 -18.49
N ALA E 52 -4.58 13.37 -18.98
CA ALA E 52 -4.19 14.22 -20.12
C ALA E 52 -5.14 14.06 -21.29
N LYS E 53 -5.50 12.81 -21.59
CA LYS E 53 -6.46 12.56 -22.69
C LYS E 53 -7.82 13.25 -22.44
N LEU E 55 -8.67 15.72 -20.36
CA LEU E 55 -8.52 17.20 -20.38
C LEU E 55 -8.52 17.74 -21.83
N THR E 56 -7.78 17.05 -22.71
CA THR E 56 -7.70 17.52 -24.09
CA THR E 56 -7.69 17.46 -24.12
C THR E 56 -9.06 17.32 -24.75
N ASP E 57 -9.82 16.31 -24.32
CA ASP E 57 -11.20 16.07 -24.77
C ASP E 57 -12.25 16.95 -24.10
N LYS E 58 -11.81 17.99 -23.41
CA LYS E 58 -12.70 18.97 -22.73
C LYS E 58 -13.64 18.43 -21.67
N ARG E 59 -13.24 17.39 -20.98
CA ARG E 59 -14.05 16.84 -19.88
C ARG E 59 -13.91 17.69 -18.60
N THR E 60 -14.91 17.64 -17.74
CA THR E 60 -14.92 18.42 -16.49
C THR E 60 -14.02 17.72 -15.47
N TYR E 61 -13.56 18.46 -14.46
CA TYR E 61 -12.73 17.83 -13.41
C TYR E 61 -13.51 16.72 -12.71
N LEU E 62 -14.82 16.89 -12.57
CA LEU E 62 -15.60 15.83 -11.88
C LEU E 62 -15.58 14.53 -12.71
N ASP E 63 -15.77 14.66 -14.03
CA ASP E 63 -15.80 13.45 -14.88
C ASP E 63 -14.47 12.76 -14.85
N ILE E 64 -13.41 13.56 -14.90
CA ILE E 64 -12.06 13.02 -14.84
C ILE E 64 -11.80 12.31 -13.50
N SER E 65 -12.17 12.96 -12.41
CA SER E 65 -12.00 12.41 -11.09
C SER E 65 -12.75 11.07 -10.90
N GLU E 66 -14.02 11.06 -11.26
CA GLU E 66 -14.82 9.84 -11.18
C GLU E 66 -14.22 8.69 -12.04
N LYS E 67 -13.88 8.98 -13.30
CA LYS E 67 -13.30 7.97 -14.19
C LYS E 67 -11.90 7.51 -13.76
N THR E 68 -11.03 8.42 -13.34
CA THR E 68 -9.63 8.04 -13.11
C THR E 68 -9.23 7.96 -11.63
N GLY E 69 -10.11 8.42 -10.73
CA GLY E 69 -9.77 8.62 -9.30
C GLY E 69 -8.81 9.78 -9.03
N ALA E 70 -8.38 10.52 -10.04
CA ALA E 70 -7.45 11.66 -9.81
C ALA E 70 -8.05 12.79 -8.93
N SER E 71 -7.27 13.33 -8.01
CA SER E 71 -7.72 14.48 -7.22
C SER E 71 -7.58 15.76 -8.07
N THR E 72 -8.10 16.85 -7.58
CA THR E 72 -7.88 18.11 -8.24
C THR E 72 -6.41 18.46 -8.39
N ALA E 73 -5.61 18.24 -7.33
CA ALA E 73 -4.19 18.58 -7.39
C ALA E 73 -3.54 17.80 -8.55
N THR E 74 -3.89 16.54 -8.67
CA THR E 74 -3.34 15.68 -9.74
C THR E 74 -3.75 16.17 -11.13
N ILE E 75 -5.04 16.43 -11.31
CA ILE E 75 -5.58 16.90 -12.58
C ILE E 75 -4.93 18.25 -12.99
N SER E 76 -4.87 19.18 -12.03
CA SER E 76 -4.22 20.47 -12.19
C SER E 76 -2.77 20.34 -12.66
N ARG E 77 -2.02 19.43 -12.06
CA ARG E 77 -0.66 19.20 -12.47
C ARG E 77 -0.55 18.70 -13.92
N VAL E 78 -1.38 17.73 -14.29
CA VAL E 78 -1.42 17.30 -15.70
C VAL E 78 -1.79 18.48 -16.63
N ASN E 79 -2.80 19.25 -16.23
CA ASN E 79 -3.24 20.41 -17.01
C ASN E 79 -2.10 21.42 -17.29
N ARG E 80 -1.29 21.66 -16.27
CA ARG E 80 -0.12 22.53 -16.42
C ARG E 80 0.89 21.99 -17.48
N SER E 81 1.17 20.68 -17.45
CA SER E 81 2.03 20.07 -18.50
C SER E 81 1.43 20.23 -19.87
N LEU E 82 0.14 19.98 -20.01
CA LEU E 82 -0.55 20.23 -21.27
C LEU E 82 -0.36 21.62 -21.80
N ASN E 83 -0.38 22.62 -20.91
CA ASN E 83 -0.49 24.01 -21.33
C ASN E 83 0.81 24.77 -21.31
N TYR E 84 1.76 24.28 -20.50
CA TYR E 84 3.04 24.94 -20.34
C TYR E 84 4.21 24.00 -20.56
N GLY E 85 3.95 22.78 -21.02
CA GLY E 85 5.03 21.80 -21.14
C GLY E 85 5.56 21.70 -22.57
N ASN E 86 5.91 20.49 -22.99
CA ASN E 86 6.63 20.27 -24.24
C ASN E 86 5.78 19.87 -25.40
N ASP E 87 4.45 19.89 -25.21
CA ASP E 87 3.49 19.36 -26.18
C ASP E 87 3.74 17.86 -26.47
N GLY E 88 4.31 17.14 -25.48
CA GLY E 88 4.63 15.74 -25.60
C GLY E 88 3.38 14.87 -25.64
N TYR E 89 2.37 15.22 -24.83
CA TYR E 89 1.08 14.55 -24.88
C TYR E 89 0.45 14.67 -26.25
N GLU E 90 0.46 15.89 -26.82
N GLU E 90 0.46 15.91 -26.79
CA GLU E 90 -0.18 16.08 -28.12
CA GLU E 90 -0.09 16.21 -28.11
C GLU E 90 0.59 15.37 -29.23
C GLU E 90 0.59 15.38 -29.19
N VAL E 92 2.13 12.48 -28.98
CA VAL E 92 1.76 11.06 -29.03
C VAL E 92 0.29 10.87 -29.36
N PHE E 93 -0.56 11.78 -28.88
CA PHE E 93 -1.96 11.67 -29.25
C PHE E 93 -2.18 11.68 -30.78
N SER E 94 -1.49 12.56 -31.52
CA SER E 94 -1.71 12.60 -32.99
C SER E 94 -1.21 11.35 -33.70
N ARG E 95 -0.07 10.83 -33.26
CA ARG E 95 0.48 9.58 -33.72
C ARG E 95 -0.44 8.38 -33.53
N LYS E 97 -3.66 8.67 -33.18
CA LYS E 97 -4.77 9.01 -34.05
C LYS E 97 -4.53 8.52 -35.48
N GLU E 98 -3.28 8.62 -35.97
CA GLU E 98 -2.91 8.15 -37.32
C GLU E 98 -3.00 6.63 -37.39
N LYS E 99 -2.37 5.96 -36.41
CA LYS E 99 -2.39 4.50 -36.33
C LYS E 99 -3.82 3.97 -36.18
N GLU E 100 -4.69 4.80 -35.61
CA GLU E 100 -6.09 4.47 -35.47
C GLU E 100 -6.85 4.49 -36.80
N THR E 101 -6.37 5.26 -37.78
CA THR E 101 -7.11 5.45 -39.05
C THR E 101 -7.13 4.21 -39.99
N ALA E 102 -6.14 3.31 -39.84
CA ALA E 102 -6.03 2.04 -40.60
C ALA E 102 -6.90 1.94 -41.85
N LYS F 6 -3.63 -2.80 -7.52
CA LYS F 6 -2.67 -3.96 -7.66
C LYS F 6 -2.52 -4.54 -9.09
N LYS F 7 -3.55 -4.42 -9.92
CA LYS F 7 -3.50 -4.92 -11.29
C LYS F 7 -2.86 -3.91 -12.28
N ILE F 8 -1.76 -4.31 -12.95
CA ILE F 8 -1.17 -3.41 -13.96
C ILE F 8 -1.61 -3.73 -15.38
N ARG F 9 -2.02 -4.97 -15.60
CA ARG F 9 -2.36 -5.36 -16.96
C ARG F 9 -3.75 -4.83 -17.31
N THR F 10 -3.82 -3.58 -17.74
CA THR F 10 -5.10 -2.92 -17.99
C THR F 10 -5.06 -2.15 -19.31
N GLU F 11 -6.20 -1.84 -19.89
CA GLU F 11 -6.26 -0.98 -21.07
C GLU F 11 -5.57 0.36 -20.93
N GLU F 12 -5.70 0.98 -19.76
CA GLU F 12 -5.01 2.25 -19.48
C GLU F 12 -3.46 2.19 -19.58
N VAL F 13 -2.85 1.21 -18.94
CA VAL F 13 -1.42 0.98 -19.06
C VAL F 13 -1.11 0.62 -20.54
N ASP F 14 -1.96 -0.20 -21.18
CA ASP F 14 -1.76 -0.47 -22.62
C ASP F 14 -1.61 0.86 -23.37
N HIS F 15 -2.52 1.80 -23.12
CA HIS F 15 -2.50 3.03 -23.90
C HIS F 15 -1.23 3.84 -23.59
N LEU F 16 -0.80 3.82 -22.33
CA LEU F 16 0.47 4.51 -21.99
C LEU F 16 1.63 3.85 -22.77
N PHE F 17 1.61 2.51 -22.85
CA PHE F 17 2.68 1.79 -23.54
C PHE F 17 2.63 2.05 -25.05
N GLU F 18 1.42 2.20 -25.60
CA GLU F 18 1.29 2.56 -27.00
C GLU F 18 1.95 3.92 -27.27
N ALA F 19 1.79 4.86 -26.35
CA ALA F 19 2.44 6.15 -26.50
C ALA F 19 3.96 6.00 -26.44
N ILE F 20 4.45 5.26 -25.46
CA ILE F 20 5.88 5.06 -25.29
C ILE F 20 6.45 4.40 -26.54
N LEU F 21 5.76 3.44 -27.12
CA LEU F 21 6.26 2.74 -28.32
C LEU F 21 6.33 3.62 -29.58
N CYS F 22 5.56 4.71 -29.61
CA CYS F 22 5.60 5.57 -30.79
CA CYS F 22 5.50 5.72 -30.67
C CYS F 22 6.72 6.63 -30.76
N LEU F 23 7.44 6.72 -29.64
CA LEU F 23 8.59 7.64 -29.54
C LEU F 23 9.71 7.05 -30.40
N LYS F 24 10.45 7.87 -31.15
CA LYS F 24 11.44 7.25 -32.02
C LYS F 24 12.89 7.62 -31.81
N ASN F 25 13.17 8.52 -30.86
CA ASN F 25 14.57 8.89 -30.56
C ASN F 25 14.66 9.50 -29.15
N LYS F 26 15.86 9.68 -28.63
CA LYS F 26 16.06 10.27 -27.29
C LYS F 26 15.31 11.61 -27.15
N GLU F 27 15.29 12.40 -28.21
CA GLU F 27 14.76 13.77 -28.13
C GLU F 27 13.28 13.68 -27.79
N GLU F 28 12.56 12.83 -28.51
CA GLU F 28 11.14 12.58 -28.23
C GLU F 28 10.89 11.98 -26.86
N CYS F 29 11.81 11.12 -26.40
CA CYS F 29 11.70 10.64 -25.02
C CYS F 29 11.76 11.78 -23.99
N TYR F 30 12.73 12.68 -24.13
CA TYR F 30 12.78 13.84 -23.25
C TYR F 30 11.46 14.63 -23.32
N THR F 31 11.00 14.92 -24.53
CA THR F 31 9.75 15.64 -24.78
C THR F 31 8.56 15.01 -23.97
N PHE F 32 8.32 13.72 -24.19
CA PHE F 32 7.21 13.03 -23.55
C PHE F 32 7.41 12.77 -22.06
N PHE F 33 8.55 12.19 -21.67
CA PHE F 33 8.75 11.83 -20.27
C PHE F 33 8.87 13.05 -19.32
N GLU F 34 9.38 14.18 -19.81
CA GLU F 34 9.41 15.39 -19.00
CA GLU F 34 9.41 15.43 -19.05
C GLU F 34 7.98 15.90 -18.79
N ASP F 35 7.10 15.67 -19.75
CA ASP F 35 5.71 16.05 -19.53
C ASP F 35 5.00 15.14 -18.50
N VAL F 36 5.26 13.83 -18.59
CA VAL F 36 4.50 12.84 -17.80
C VAL F 36 5.08 12.58 -16.41
N CYS F 37 6.39 12.77 -16.27
CA CYS F 37 7.09 12.53 -15.00
C CYS F 37 7.56 13.81 -14.34
N THR F 38 7.73 13.77 -13.02
CA THR F 38 8.46 14.83 -12.32
C THR F 38 9.96 14.57 -12.52
N ILE F 39 10.78 15.57 -12.22
CA ILE F 39 12.23 15.42 -12.23
C ILE F 39 12.68 14.24 -11.32
N ASN F 40 12.18 14.18 -10.09
CA ASN F 40 12.56 13.12 -9.16
C ASN F 40 12.23 11.72 -9.66
N GLU F 41 11.06 11.56 -10.28
CA GLU F 41 10.67 10.25 -10.73
C GLU F 41 11.55 9.75 -11.86
N LEU F 42 11.84 10.62 -12.84
CA LEU F 42 12.67 10.23 -13.97
C LEU F 42 14.10 9.93 -13.49
N LEU F 43 14.56 10.74 -12.55
CA LEU F 43 15.88 10.50 -11.97
C LEU F 43 15.95 9.19 -11.16
N SER F 44 14.86 8.84 -10.47
CA SER F 44 14.82 7.56 -9.71
C SER F 44 14.93 6.38 -10.62
N LEU F 45 14.20 6.42 -11.74
CA LEU F 45 14.23 5.33 -12.74
C LEU F 45 15.61 5.21 -13.34
N SER F 46 16.18 6.36 -13.71
CA SER F 46 17.49 6.37 -14.29
C SER F 46 18.52 5.83 -13.30
N GLN F 47 18.34 6.15 -12.03
CA GLN F 47 19.21 5.59 -11.00
C GLN F 47 19.02 4.08 -10.88
N ARG F 48 17.77 3.62 -10.93
CA ARG F 48 17.53 2.19 -10.81
C ARG F 48 18.23 1.50 -11.96
N PHE F 49 18.18 2.11 -13.15
CA PHE F 49 18.77 1.53 -14.36
C PHE F 49 20.29 1.46 -14.25
N GLU F 50 20.96 2.54 -13.81
CA GLU F 50 22.42 2.49 -13.63
C GLU F 50 22.81 1.43 -12.60
N VAL F 51 22.08 1.37 -11.50
CA VAL F 51 22.29 0.35 -10.48
C VAL F 51 22.21 -1.10 -11.03
N ALA F 52 21.22 -1.37 -11.87
CA ALA F 52 21.02 -2.71 -12.48
C ALA F 52 22.21 -3.11 -13.33
N LYS F 53 22.70 -2.15 -14.11
CA LYS F 53 23.85 -2.36 -14.97
C LYS F 53 25.09 -2.74 -14.15
N LEU F 55 25.12 -3.84 -10.99
CA LEU F 55 24.85 -5.11 -10.32
C LEU F 55 25.13 -6.27 -11.25
N THR F 56 24.68 -6.18 -12.50
CA THR F 56 24.96 -7.24 -13.47
C THR F 56 26.46 -7.32 -13.81
N ASP F 57 27.12 -6.17 -13.82
CA ASP F 57 28.58 -6.08 -14.00
C ASP F 57 29.40 -6.46 -12.77
N LYS F 58 28.73 -7.15 -11.84
CA LYS F 58 29.30 -7.67 -10.59
CA LYS F 58 29.28 -7.65 -10.58
C LYS F 58 29.90 -6.57 -9.68
N ARG F 59 29.65 -5.29 -9.99
CA ARG F 59 30.20 -4.19 -9.21
CA ARG F 59 30.21 -4.19 -9.19
C ARG F 59 29.71 -4.25 -7.75
N THR F 60 30.55 -3.79 -6.83
CA THR F 60 30.22 -3.86 -5.40
C THR F 60 29.21 -2.79 -4.98
N TYR F 61 28.46 -3.08 -3.91
CA TYR F 61 27.47 -2.16 -3.32
C TYR F 61 28.12 -0.80 -2.99
N LEU F 62 29.36 -0.83 -2.50
CA LEU F 62 30.11 0.38 -2.13
C LEU F 62 30.41 1.27 -3.34
N ASP F 63 31.07 0.70 -4.36
CA ASP F 63 31.20 1.36 -5.67
C ASP F 63 29.85 1.93 -6.12
N ILE F 64 28.80 1.10 -6.03
CA ILE F 64 27.47 1.46 -6.54
C ILE F 64 26.84 2.64 -5.76
N SER F 65 26.86 2.55 -4.44
CA SER F 65 26.44 3.65 -3.58
C SER F 65 27.26 4.91 -3.87
N GLU F 66 28.56 4.72 -4.15
CA GLU F 66 29.46 5.83 -4.44
C GLU F 66 29.13 6.53 -5.76
N LYS F 67 28.94 5.75 -6.83
CA LYS F 67 28.78 6.28 -8.19
C LYS F 67 27.37 6.80 -8.49
N THR F 68 26.36 6.20 -7.87
CA THR F 68 24.98 6.60 -8.09
C THR F 68 24.42 7.33 -6.90
N GLY F 69 25.05 7.17 -5.75
CA GLY F 69 24.46 7.60 -4.50
C GLY F 69 23.13 6.92 -4.17
N ALA F 70 22.90 5.71 -4.69
CA ALA F 70 21.75 4.92 -4.25
C ALA F 70 21.88 4.39 -2.80
N SER F 71 20.79 4.52 -2.04
CA SER F 71 20.68 3.92 -0.70
C SER F 71 20.71 2.41 -0.81
N THR F 72 21.14 1.74 0.26
CA THR F 72 21.14 0.27 0.32
C THR F 72 19.77 -0.33 -0.03
N ALA F 73 18.71 0.32 0.44
CA ALA F 73 17.37 -0.13 0.17
C ALA F 73 17.09 -0.13 -1.33
N THR F 74 17.59 0.91 -2.02
CA THR F 74 17.38 1.04 -3.47
C THR F 74 18.12 -0.05 -4.23
N ILE F 75 19.37 -0.25 -3.86
CA ILE F 75 20.18 -1.26 -4.47
C ILE F 75 19.58 -2.65 -4.22
N SER F 76 19.11 -2.86 -3.00
CA SER F 76 18.47 -4.12 -2.65
C SER F 76 17.25 -4.40 -3.52
N ARG F 77 16.46 -3.36 -3.80
CA ARG F 77 15.20 -3.53 -4.55
C ARG F 77 15.49 -3.92 -5.99
N VAL F 78 16.48 -3.26 -6.59
CA VAL F 78 16.91 -3.55 -7.95
C VAL F 78 17.47 -4.97 -8.05
N ASN F 79 18.34 -5.34 -7.10
CA ASN F 79 18.84 -6.69 -7.05
C ASN F 79 17.73 -7.77 -6.95
N ARG F 80 16.71 -7.48 -6.15
CA ARG F 80 15.54 -8.37 -6.02
C ARG F 80 14.87 -8.51 -7.39
N SER F 81 14.79 -7.41 -8.16
CA SER F 81 14.26 -7.45 -9.54
C SER F 81 15.13 -8.29 -10.45
N LEU F 82 16.43 -8.04 -10.47
CA LEU F 82 17.34 -8.90 -11.19
C LEU F 82 17.16 -10.38 -10.83
N ASN F 83 17.02 -10.70 -9.55
CA ASN F 83 16.96 -12.09 -9.14
C ASN F 83 15.65 -12.84 -9.40
N TYR F 84 14.54 -12.16 -9.21
CA TYR F 84 13.23 -12.83 -9.18
C TYR F 84 12.23 -12.24 -10.16
N GLY F 85 12.61 -11.17 -10.86
CA GLY F 85 11.74 -10.46 -11.77
C GLY F 85 11.58 -11.06 -13.16
N ASN F 86 11.35 -10.22 -14.16
CA ASN F 86 10.92 -10.65 -15.50
C ASN F 86 12.07 -10.78 -16.46
N ASP F 87 13.28 -10.57 -15.96
CA ASP F 87 14.46 -10.44 -16.81
C ASP F 87 14.43 -9.26 -17.82
N GLY F 88 13.60 -8.26 -17.52
CA GLY F 88 13.49 -7.04 -18.34
C GLY F 88 14.81 -6.28 -18.49
N TYR F 89 15.56 -6.13 -17.40
CA TYR F 89 16.90 -5.50 -17.46
C TYR F 89 17.82 -6.24 -18.43
N GLU F 90 17.92 -7.56 -18.24
CA GLU F 90 18.78 -8.41 -19.06
C GLU F 90 18.32 -8.30 -20.52
N VAL F 92 16.89 -5.76 -22.19
CA VAL F 92 17.40 -4.55 -22.86
C VAL F 92 18.93 -4.47 -22.86
N PHE F 93 19.58 -5.02 -21.85
CA PHE F 93 21.05 -5.02 -21.87
C PHE F 93 21.58 -5.77 -23.10
N SER F 94 20.96 -6.91 -23.41
CA SER F 94 21.31 -7.73 -24.58
C SER F 94 21.18 -6.90 -25.83
N ARG F 95 20.01 -6.32 -25.99
CA ARG F 95 19.70 -5.54 -27.16
C ARG F 95 20.64 -4.36 -27.41
N LYS F 97 23.56 -4.06 -26.39
CA LYS F 97 24.88 -4.65 -26.62
C LYS F 97 25.11 -5.12 -28.06
N GLU F 98 24.03 -5.36 -28.80
CA GLU F 98 24.16 -5.83 -30.18
C GLU F 98 24.77 -4.79 -31.12
N LYS F 99 24.48 -3.51 -30.87
CA LYS F 99 25.25 -2.40 -31.46
C LYS F 99 25.19 -1.17 -30.58
N ARG G 9 6.89 -15.84 -8.73
CA ARG G 9 8.13 -16.29 -8.05
C ARG G 9 8.18 -15.83 -6.59
N THR G 10 8.37 -14.52 -6.36
CA THR G 10 8.67 -13.96 -5.03
C THR G 10 7.54 -14.31 -4.01
N GLU G 11 6.28 -14.31 -4.42
CA GLU G 11 5.19 -14.69 -3.53
C GLU G 11 5.34 -16.15 -3.06
N GLU G 12 5.89 -16.98 -3.93
CA GLU G 12 6.04 -18.40 -3.58
C GLU G 12 7.24 -18.59 -2.65
N VAL G 13 8.34 -17.89 -2.91
CA VAL G 13 9.49 -17.91 -1.97
C VAL G 13 9.02 -17.37 -0.56
N ASP G 14 8.23 -16.30 -0.56
CA ASP G 14 7.67 -15.74 0.66
C ASP G 14 6.94 -16.83 1.45
N HIS G 15 6.21 -17.69 0.75
CA HIS G 15 5.42 -18.72 1.43
C HIS G 15 6.35 -19.68 2.18
N LEU G 16 7.38 -20.14 1.50
CA LEU G 16 8.46 -20.95 2.13
C LEU G 16 9.04 -20.14 3.35
N PHE G 17 9.33 -18.87 3.17
CA PHE G 17 9.93 -18.16 4.32
C PHE G 17 8.96 -18.03 5.51
N GLU G 18 7.67 -17.90 5.24
CA GLU G 18 6.67 -17.85 6.29
C GLU G 18 6.74 -19.13 7.06
N ALA G 19 6.91 -20.25 6.37
CA ALA G 19 6.99 -21.53 7.03
C ALA G 19 8.23 -21.64 7.93
N ILE G 20 9.37 -21.19 7.38
CA ILE G 20 10.65 -21.23 8.13
C ILE G 20 10.56 -20.32 9.35
N LEU G 21 9.91 -19.18 9.20
CA LEU G 21 9.70 -18.26 10.30
C LEU G 21 8.82 -18.80 11.44
N CYS G 22 7.94 -19.77 11.15
CA CYS G 22 7.08 -20.25 12.23
CA CYS G 22 7.04 -20.38 12.14
C CYS G 22 7.74 -21.38 13.04
N LEU G 23 8.91 -21.85 12.62
CA LEU G 23 9.66 -22.84 13.42
C LEU G 23 10.11 -22.21 14.73
N LYS G 24 10.06 -22.96 15.85
CA LYS G 24 10.33 -22.38 17.18
C LYS G 24 11.56 -22.88 17.89
N ASN G 25 12.05 -24.05 17.51
CA ASN G 25 13.18 -24.68 18.17
C ASN G 25 13.85 -25.65 17.20
N LYS G 26 15.03 -26.13 17.60
CA LYS G 26 15.89 -26.93 16.71
C LYS G 26 15.18 -28.22 16.32
N GLU G 27 14.44 -28.81 17.25
CA GLU G 27 13.65 -30.01 16.96
C GLU G 27 12.69 -29.83 15.79
N GLU G 28 11.97 -28.72 15.78
CA GLU G 28 11.08 -28.43 14.67
C GLU G 28 11.87 -28.21 13.35
N CYS G 29 13.08 -27.64 13.44
CA CYS G 29 13.91 -27.45 12.24
C CYS G 29 14.32 -28.79 11.64
N TYR G 30 14.78 -29.74 12.47
CA TYR G 30 15.06 -31.08 11.98
C TYR G 30 13.79 -31.62 11.29
N THR G 31 12.66 -31.55 11.96
CA THR G 31 11.38 -32.00 11.37
C THR G 31 11.11 -31.41 9.96
N PHE G 32 11.24 -30.10 9.82
CA PHE G 32 10.91 -29.45 8.58
C PHE G 32 12.05 -29.61 7.53
N PHE G 33 13.28 -29.27 7.90
CA PHE G 33 14.36 -29.29 6.90
C PHE G 33 14.72 -30.67 6.41
N GLU G 34 14.58 -31.69 7.24
CA GLU G 34 14.78 -33.03 6.75
C GLU G 34 13.74 -33.44 5.70
N ASP G 35 12.52 -32.91 5.82
CA ASP G 35 11.51 -33.18 4.81
C ASP G 35 11.80 -32.41 3.49
N VAL G 36 12.03 -31.10 3.57
CA VAL G 36 12.17 -30.29 2.34
C VAL G 36 13.54 -30.42 1.64
N CYS G 37 14.61 -30.80 2.35
CA CYS G 37 15.94 -30.97 1.70
C CYS G 37 16.20 -32.43 1.57
N THR G 38 17.10 -32.82 0.67
CA THR G 38 17.71 -34.16 0.78
C THR G 38 18.72 -34.21 1.92
N ILE G 39 19.22 -35.40 2.24
CA ILE G 39 20.28 -35.52 3.26
C ILE G 39 21.53 -34.70 2.87
N ASN G 40 22.00 -34.92 1.65
CA ASN G 40 23.15 -34.22 1.13
C ASN G 40 22.90 -32.74 1.06
N GLU G 41 21.70 -32.28 0.68
CA GLU G 41 21.44 -30.84 0.66
C GLU G 41 21.53 -30.17 2.05
N LEU G 42 21.02 -30.86 3.08
CA LEU G 42 21.00 -30.29 4.42
C LEU G 42 22.43 -30.28 4.96
N LEU G 43 23.15 -31.34 4.69
CA LEU G 43 24.54 -31.36 5.12
C LEU G 43 25.35 -30.28 4.39
N SER G 44 25.07 -30.09 3.10
CA SER G 44 25.71 -29.01 2.37
C SER G 44 25.38 -27.60 2.94
N LEU G 45 24.14 -27.33 3.29
CA LEU G 45 23.83 -26.05 4.00
C LEU G 45 24.64 -25.88 5.31
N SER G 46 24.63 -26.90 6.15
CA SER G 46 25.31 -26.88 7.43
C SER G 46 26.84 -26.75 7.19
N GLN G 47 27.35 -27.40 6.15
CA GLN G 47 28.79 -27.26 5.86
C GLN G 47 29.17 -25.80 5.49
N ARG G 48 28.37 -25.13 4.66
CA ARG G 48 28.69 -23.77 4.28
C ARG G 48 28.67 -22.83 5.49
N PHE G 49 27.69 -23.05 6.36
CA PHE G 49 27.57 -22.20 7.56
C PHE G 49 28.80 -22.41 8.45
N GLU G 50 29.20 -23.66 8.65
CA GLU G 50 30.37 -23.96 9.47
C GLU G 50 31.66 -23.37 8.84
N VAL G 51 31.81 -23.53 7.53
CA VAL G 51 32.89 -22.85 6.79
C VAL G 51 32.89 -21.34 7.02
N ALA G 52 31.74 -20.72 6.92
CA ALA G 52 31.66 -19.26 7.14
C ALA G 52 32.13 -18.89 8.54
N LYS G 53 31.75 -19.68 9.53
CA LYS G 53 32.16 -19.37 10.91
C LYS G 53 33.70 -19.48 10.99
N LEU G 55 35.95 -19.31 8.56
CA LEU G 55 36.60 -18.24 7.78
C LEU G 55 36.65 -16.97 8.61
N THR G 56 35.56 -16.65 9.33
CA THR G 56 35.57 -15.45 10.17
CA THR G 56 35.53 -15.47 10.19
C THR G 56 36.56 -15.62 11.32
N ASP G 57 36.77 -16.85 11.76
CA ASP G 57 37.84 -17.13 12.78
C ASP G 57 39.28 -17.14 12.21
N LYS G 58 39.40 -16.88 10.90
CA LYS G 58 40.70 -16.81 10.21
CA LYS G 58 40.69 -16.82 10.19
C LYS G 58 41.40 -18.18 10.21
N ARG G 59 40.64 -19.25 10.08
CA ARG G 59 41.25 -20.59 10.01
C ARG G 59 41.72 -20.88 8.55
N THR G 60 42.69 -21.77 8.38
CA THR G 60 43.26 -22.13 7.03
C THR G 60 42.32 -23.02 6.25
N TYR G 61 42.53 -23.13 4.93
CA TYR G 61 41.64 -23.99 4.13
C TYR G 61 41.71 -25.44 4.55
N LEU G 62 42.90 -25.92 4.92
CA LEU G 62 43.03 -27.33 5.27
C LEU G 62 42.29 -27.60 6.62
N ASP G 63 42.46 -26.70 7.58
CA ASP G 63 41.79 -26.89 8.87
C ASP G 63 40.25 -26.91 8.61
N ILE G 64 39.75 -25.96 7.84
CA ILE G 64 38.32 -25.87 7.50
C ILE G 64 37.89 -27.12 6.73
N SER G 65 38.67 -27.51 5.72
CA SER G 65 38.30 -28.70 4.95
CA SER G 65 38.31 -28.70 4.94
C SER G 65 38.23 -29.95 5.81
N GLU G 66 39.22 -30.15 6.69
CA GLU G 66 39.22 -31.34 7.55
C GLU G 66 38.04 -31.30 8.55
N LYS G 67 37.73 -30.13 9.09
CA LYS G 67 36.65 -30.08 10.10
C LYS G 67 35.27 -30.21 9.41
N THR G 68 35.10 -29.60 8.24
CA THR G 68 33.71 -29.45 7.70
C THR G 68 33.45 -30.40 6.52
N GLY G 69 34.52 -31.00 5.99
CA GLY G 69 34.42 -31.79 4.73
C GLY G 69 34.50 -30.91 3.46
N ALA G 70 34.48 -29.59 3.60
CA ALA G 70 34.41 -28.70 2.43
C ALA G 70 35.59 -28.76 1.45
N SER G 71 35.26 -28.70 0.15
CA SER G 71 36.25 -28.61 -0.93
C SER G 71 36.70 -27.15 -1.00
N THR G 72 37.80 -26.94 -1.69
CA THR G 72 38.30 -25.59 -1.94
C THR G 72 37.26 -24.73 -2.71
N ALA G 73 36.58 -25.33 -3.68
CA ALA G 73 35.52 -24.62 -4.43
C ALA G 73 34.45 -24.09 -3.47
N THR G 74 34.01 -24.94 -2.55
CA THR G 74 33.04 -24.54 -1.56
C THR G 74 33.57 -23.43 -0.65
N ILE G 75 34.78 -23.63 -0.10
CA ILE G 75 35.33 -22.66 0.80
C ILE G 75 35.50 -21.30 0.15
N SER G 76 35.97 -21.32 -1.09
CA SER G 76 36.16 -20.11 -1.87
C SER G 76 34.81 -19.39 -2.10
N ARG G 77 33.74 -20.15 -2.42
CA ARG G 77 32.39 -19.57 -2.66
CA ARG G 77 32.41 -19.57 -2.66
C ARG G 77 31.87 -18.90 -1.39
N VAL G 78 32.05 -19.55 -0.24
CA VAL G 78 31.62 -19.00 1.05
C VAL G 78 32.40 -17.72 1.39
N ASN G 79 33.72 -17.80 1.24
CA ASN G 79 34.60 -16.64 1.35
C ASN G 79 34.12 -15.43 0.52
N ARG G 80 33.77 -15.67 -0.73
CA ARG G 80 33.20 -14.63 -1.59
C ARG G 80 31.87 -14.08 -1.02
N SER G 81 30.99 -14.93 -0.51
CA SER G 81 29.77 -14.43 0.15
C SER G 81 30.06 -13.56 1.36
N LEU G 82 31.01 -13.96 2.19
CA LEU G 82 31.34 -13.20 3.39
C LEU G 82 31.86 -11.82 3.07
N ASN G 83 32.64 -11.72 2.01
CA ASN G 83 33.24 -10.48 1.69
C ASN G 83 32.43 -9.60 0.73
N TYR G 84 31.56 -10.19 -0.06
CA TYR G 84 30.90 -9.46 -1.12
C TYR G 84 29.40 -9.73 -1.19
N GLY G 85 28.84 -10.38 -0.17
CA GLY G 85 27.40 -10.72 -0.18
C GLY G 85 26.51 -9.71 0.55
N ASN G 86 25.42 -10.20 1.13
CA ASN G 86 24.47 -9.37 1.88
C ASN G 86 24.83 -9.06 3.35
N ASP G 87 26.00 -9.45 3.83
CA ASP G 87 26.24 -9.47 5.28
C ASP G 87 25.28 -10.36 6.10
N GLY G 88 24.62 -11.31 5.45
CA GLY G 88 23.68 -12.20 6.13
C GLY G 88 24.33 -13.12 7.16
N TYR G 89 25.49 -13.69 6.82
CA TYR G 89 26.23 -14.48 7.82
C TYR G 89 26.52 -13.64 9.05
N GLU G 90 27.07 -12.45 8.85
CA GLU G 90 27.47 -11.64 10.00
C GLU G 90 26.25 -11.24 10.82
N VAL G 92 23.52 -12.99 11.46
CA VAL G 92 23.15 -14.04 12.42
C VAL G 92 24.26 -14.30 13.44
N PHE G 93 25.52 -14.18 13.03
CA PHE G 93 26.64 -14.38 13.97
C PHE G 93 26.56 -13.33 15.10
N SER G 94 26.27 -12.08 14.74
CA SER G 94 26.07 -10.99 15.72
C SER G 94 24.96 -11.29 16.73
N ARG G 95 23.82 -11.76 16.23
CA ARG G 95 22.67 -12.07 17.11
C ARG G 95 22.93 -13.20 18.05
N LYS G 97 25.91 -14.16 19.10
CA LYS G 97 26.85 -13.57 20.04
C LYS G 97 26.11 -12.90 21.21
N GLU G 98 25.08 -12.12 20.91
CA GLU G 98 24.21 -11.51 21.92
C GLU G 98 23.59 -12.52 22.90
N LYS G 99 23.01 -13.60 22.38
CA LYS G 99 22.39 -14.63 23.24
C LYS G 99 23.32 -15.10 24.38
N GLU G 100 24.63 -15.00 24.15
CA GLU G 100 25.61 -15.15 25.23
C GLU G 100 25.68 -13.86 26.06
N ARG H 9 21.82 -36.07 12.96
CA ARG H 9 21.77 -34.94 13.97
C ARG H 9 23.14 -34.61 14.55
N THR H 10 23.64 -33.41 14.32
CA THR H 10 24.88 -33.04 14.91
C THR H 10 24.79 -31.64 15.49
N GLU H 11 25.79 -31.30 16.30
CA GLU H 11 25.94 -29.95 16.80
C GLU H 11 26.19 -28.93 15.71
N GLU H 12 26.75 -29.34 14.56
CA GLU H 12 26.97 -28.33 13.48
C GLU H 12 25.66 -28.02 12.78
N VAL H 13 24.82 -29.03 12.57
CA VAL H 13 23.47 -28.77 12.01
C VAL H 13 22.67 -27.90 13.02
N ASP H 14 22.78 -28.22 14.31
CA ASP H 14 22.15 -27.41 15.37
C ASP H 14 22.53 -25.94 15.22
N HIS H 15 23.80 -25.67 15.00
CA HIS H 15 24.32 -24.31 14.84
C HIS H 15 23.63 -23.57 13.68
N LEU H 16 23.53 -24.25 12.54
CA LEU H 16 22.82 -23.66 11.39
C LEU H 16 21.35 -23.37 11.81
N PHE H 17 20.75 -24.30 12.55
CA PHE H 17 19.35 -24.09 12.95
C PHE H 17 19.23 -22.92 13.94
N GLU H 18 20.19 -22.78 14.85
CA GLU H 18 20.15 -21.63 15.78
C GLU H 18 20.17 -20.34 14.96
N ALA H 19 21.01 -20.29 13.92
CA ALA H 19 21.01 -19.11 13.02
C ALA H 19 19.64 -18.87 12.39
N ILE H 20 19.01 -19.93 11.84
CA ILE H 20 17.76 -19.79 11.16
C ILE H 20 16.68 -19.33 12.14
N LEU H 21 16.75 -19.86 13.37
CA LEU H 21 15.85 -19.43 14.43
C LEU H 21 15.99 -17.94 14.83
N CYS H 22 17.10 -17.29 14.54
CA CYS H 22 17.16 -15.89 14.96
CA CYS H 22 17.29 -15.87 14.88
C CYS H 22 16.65 -14.92 13.88
N LEU H 23 16.26 -15.46 12.73
CA LEU H 23 15.69 -14.66 11.65
C LEU H 23 14.29 -14.25 12.06
N LYS H 24 13.92 -12.99 11.79
CA LYS H 24 12.70 -12.45 12.32
C LYS H 24 11.63 -12.07 11.33
N ASN H 25 12.01 -11.87 10.06
CA ASN H 25 10.99 -11.50 9.06
C ASN H 25 11.49 -12.02 7.74
N LYS H 26 10.63 -11.92 6.74
CA LYS H 26 10.90 -12.35 5.35
C LYS H 26 12.14 -11.64 4.77
N GLU H 27 12.34 -10.36 5.09
CA GLU H 27 13.50 -9.61 4.54
C GLU H 27 14.81 -10.21 5.04
N GLU H 28 14.82 -10.59 6.32
CA GLU H 28 15.98 -11.22 6.89
C GLU H 28 16.25 -12.60 6.28
N CYS H 29 15.19 -13.32 5.90
CA CYS H 29 15.32 -14.61 5.21
C CYS H 29 15.96 -14.45 3.81
N TYR H 30 15.50 -13.49 3.02
CA TYR H 30 16.19 -13.14 1.75
C TYR H 30 17.68 -12.87 2.02
N THR H 31 17.98 -12.02 2.98
CA THR H 31 19.37 -11.68 3.28
C THR H 31 20.21 -12.92 3.62
N PHE H 32 19.66 -13.79 4.49
CA PHE H 32 20.46 -14.92 4.96
C PHE H 32 20.53 -16.00 3.88
N PHE H 33 19.39 -16.38 3.35
CA PHE H 33 19.36 -17.52 2.47
C PHE H 33 20.01 -17.26 1.11
N GLU H 34 19.99 -16.00 0.68
CA GLU H 34 20.73 -15.61 -0.51
C GLU H 34 22.24 -15.60 -0.25
N ASP H 35 22.66 -15.45 0.99
CA ASP H 35 24.08 -15.63 1.25
C ASP H 35 24.50 -17.13 1.21
N VAL H 36 23.69 -17.97 1.84
CA VAL H 36 24.03 -19.38 2.01
C VAL H 36 23.72 -20.19 0.74
N CYS H 37 22.65 -19.83 0.01
CA CYS H 37 22.22 -20.60 -1.15
C CYS H 37 22.45 -19.85 -2.44
N THR H 38 22.49 -20.58 -3.55
CA THR H 38 22.42 -19.95 -4.82
C THR H 38 20.91 -19.62 -5.06
N ILE H 39 20.64 -18.68 -5.96
CA ILE H 39 19.25 -18.36 -6.35
C ILE H 39 18.55 -19.65 -6.85
N ASN H 40 19.28 -20.46 -7.61
CA ASN H 40 18.64 -21.71 -8.09
C ASN H 40 18.30 -22.72 -6.96
N GLU H 41 19.17 -22.83 -5.96
CA GLU H 41 18.88 -23.68 -4.77
C GLU H 41 17.66 -23.18 -4.02
N LEU H 42 17.61 -21.86 -3.84
CA LEU H 42 16.44 -21.25 -3.22
C LEU H 42 15.15 -21.49 -4.01
N LEU H 43 15.20 -21.33 -5.32
CA LEU H 43 14.03 -21.59 -6.16
C LEU H 43 13.58 -23.06 -6.10
N SER H 44 14.56 -23.96 -5.92
CA SER H 44 14.26 -25.39 -5.81
CA SER H 44 14.25 -25.40 -5.82
C SER H 44 13.54 -25.70 -4.49
N LEU H 45 13.99 -25.10 -3.40
CA LEU H 45 13.27 -25.29 -2.10
C LEU H 45 11.87 -24.73 -2.20
N SER H 46 11.75 -23.56 -2.85
CA SER H 46 10.44 -22.89 -2.97
C SER H 46 9.49 -23.76 -3.77
N GLN H 47 10.00 -24.30 -4.89
CA GLN H 47 9.20 -25.16 -5.71
C GLN H 47 8.71 -26.41 -4.96
N ARG H 48 9.61 -27.04 -4.21
CA ARG H 48 9.24 -28.23 -3.46
C ARG H 48 8.13 -27.93 -2.43
N PHE H 49 8.22 -26.76 -1.79
CA PHE H 49 7.23 -26.39 -0.77
C PHE H 49 5.88 -26.14 -1.48
N GLU H 50 5.92 -25.52 -2.65
CA GLU H 50 4.71 -25.23 -3.41
C GLU H 50 4.09 -26.54 -3.88
N VAL H 51 4.95 -27.47 -4.30
CA VAL H 51 4.45 -28.82 -4.68
C VAL H 51 3.73 -29.54 -3.51
N ALA H 52 4.38 -29.55 -2.36
CA ALA H 52 3.85 -30.14 -1.13
C ALA H 52 2.46 -29.57 -0.81
N LYS H 53 2.34 -28.24 -0.88
CA LYS H 53 1.05 -27.60 -0.70
C LYS H 53 -0.04 -28.08 -1.68
N LEU H 55 0.02 -30.90 -3.44
CA LEU H 55 -0.25 -32.32 -3.21
C LEU H 55 -1.23 -32.48 -2.05
N THR H 56 -1.09 -31.66 -1.00
CA THR H 56 -2.01 -31.81 0.14
CA THR H 56 -2.00 -31.74 0.16
C THR H 56 -3.40 -31.33 -0.32
N ASP H 57 -3.44 -30.47 -1.34
CA ASP H 57 -4.71 -29.96 -1.94
C ASP H 57 -5.30 -30.99 -2.92
N LYS H 58 -4.58 -32.08 -3.11
CA LYS H 58 -5.01 -33.15 -3.99
C LYS H 58 -5.09 -32.66 -5.44
N ARG H 59 -4.20 -31.76 -5.83
CA ARG H 59 -4.18 -31.38 -7.25
C ARG H 59 -3.52 -32.47 -8.14
N THR H 60 -3.86 -32.54 -9.43
CA THR H 60 -3.23 -33.54 -10.31
C THR H 60 -1.77 -33.18 -10.53
N TYR H 61 -0.98 -34.16 -10.92
CA TYR H 61 0.42 -33.86 -11.22
C TYR H 61 0.55 -32.87 -12.41
N LEU H 62 -0.34 -33.00 -13.42
CA LEU H 62 -0.32 -32.04 -14.52
C LEU H 62 -0.51 -30.60 -14.03
N ASP H 63 -1.51 -30.40 -13.18
CA ASP H 63 -1.78 -29.09 -12.52
C ASP H 63 -0.52 -28.62 -11.79
N ILE H 64 0.04 -29.50 -10.97
CA ILE H 64 1.23 -29.16 -10.16
C ILE H 64 2.42 -28.77 -11.01
N SER H 65 2.65 -29.55 -12.06
CA SER H 65 3.80 -29.31 -12.88
CA SER H 65 3.79 -29.32 -12.92
C SER H 65 3.58 -27.98 -13.63
N GLU H 66 2.36 -27.71 -14.09
CA GLU H 66 2.09 -26.44 -14.77
C GLU H 66 2.29 -25.24 -13.83
N LYS H 67 1.75 -25.29 -12.61
CA LYS H 67 1.90 -24.15 -11.69
C LYS H 67 3.31 -23.95 -11.18
N THR H 68 3.99 -25.03 -10.83
CA THR H 68 5.27 -24.92 -10.12
C THR H 68 6.50 -25.08 -10.99
N GLY H 69 6.33 -25.57 -12.20
CA GLY H 69 7.49 -25.90 -13.03
C GLY H 69 8.11 -27.28 -12.72
N ALA H 70 7.61 -27.99 -11.71
CA ALA H 70 8.22 -29.24 -11.25
C ALA H 70 8.10 -30.44 -12.22
N SER H 71 9.17 -31.21 -12.38
CA SER H 71 9.09 -32.48 -13.10
C SER H 71 8.29 -33.50 -12.28
N THR H 72 7.82 -34.53 -12.96
CA THR H 72 7.21 -35.69 -12.31
C THR H 72 8.10 -36.28 -11.21
N ALA H 73 9.40 -36.38 -11.50
CA ALA H 73 10.34 -36.92 -10.54
C ALA H 73 10.35 -36.08 -9.29
N THR H 74 10.41 -34.76 -9.45
CA THR H 74 10.42 -33.87 -8.32
C THR H 74 9.13 -34.03 -7.50
N ILE H 75 8.00 -34.09 -8.17
CA ILE H 75 6.71 -34.27 -7.50
C ILE H 75 6.64 -35.59 -6.72
N SER H 76 6.99 -36.71 -7.35
CA SER H 76 7.09 -37.99 -6.63
C SER H 76 7.97 -37.96 -5.39
N ARG H 77 9.15 -37.35 -5.48
CA ARG H 77 10.01 -37.23 -4.33
C ARG H 77 9.37 -36.40 -3.19
N VAL H 78 8.77 -35.26 -3.53
CA VAL H 78 8.04 -34.49 -2.53
C VAL H 78 6.92 -35.36 -1.91
N ASN H 79 6.18 -36.06 -2.77
CA ASN H 79 5.09 -36.91 -2.31
C ASN H 79 5.57 -37.97 -1.32
N ARG H 80 6.73 -38.57 -1.62
CA ARG H 80 7.34 -39.59 -0.76
C ARG H 80 7.63 -38.94 0.59
N SER H 81 8.14 -37.71 0.59
CA SER H 81 8.49 -37.01 1.82
CA SER H 81 8.51 -36.98 1.81
C SER H 81 7.25 -36.66 2.62
N LEU H 82 6.25 -36.12 1.94
CA LEU H 82 4.95 -35.86 2.56
C LEU H 82 4.38 -37.10 3.25
N ASN H 83 4.47 -38.26 2.59
CA ASN H 83 3.90 -39.49 3.09
C ASN H 83 4.74 -40.16 4.17
N TYR H 84 6.03 -40.33 3.91
CA TYR H 84 6.88 -41.13 4.76
C TYR H 84 7.83 -40.37 5.64
N GLY H 85 7.84 -39.04 5.55
CA GLY H 85 8.83 -38.20 6.23
C GLY H 85 8.42 -37.86 7.65
N ASN H 86 8.80 -36.67 8.09
CA ASN H 86 8.58 -36.27 9.49
C ASN H 86 7.23 -35.60 9.78
N ASP H 87 6.40 -35.48 8.77
CA ASP H 87 5.19 -34.65 8.86
C ASP H 87 5.55 -33.18 9.05
N GLY H 88 6.69 -32.76 8.54
CA GLY H 88 7.16 -31.38 8.71
C GLY H 88 6.37 -30.39 7.86
N TYR H 89 5.98 -30.82 6.68
CA TYR H 89 5.17 -29.99 5.81
C TYR H 89 3.83 -29.77 6.49
N GLU H 90 3.24 -30.83 7.01
CA GLU H 90 1.95 -30.69 7.67
C GLU H 90 2.04 -29.82 8.94
N VAL H 92 4.09 -27.25 9.55
CA VAL H 92 4.14 -25.83 9.22
C VAL H 92 2.83 -25.36 8.58
N PHE H 93 2.19 -26.20 7.76
CA PHE H 93 0.88 -25.82 7.16
C PHE H 93 -0.15 -25.55 8.28
N SER H 94 -0.13 -26.37 9.36
CA SER H 94 -1.07 -26.21 10.47
C SER H 94 -0.68 -24.98 11.25
N ARG H 95 0.59 -24.82 11.50
CA ARG H 95 0.99 -23.65 12.25
C ARG H 95 0.60 -22.34 11.55
N LYS H 97 -1.82 -21.75 9.66
CA LYS H 97 -3.27 -21.64 9.81
C LYS H 97 -3.70 -20.96 11.12
N GLU H 98 -2.92 -21.11 12.18
CA GLU H 98 -3.25 -20.52 13.48
C GLU H 98 -3.23 -18.99 13.43
N LYS H 99 -2.34 -18.42 12.61
CA LYS H 99 -2.28 -16.96 12.37
C LYS H 99 -3.68 -16.32 12.21
N GLU H 100 -4.57 -17.04 11.54
CA GLU H 100 -5.98 -16.70 11.36
C GLU H 100 -6.67 -16.17 12.62
N THR H 101 -6.10 -16.48 13.77
CA THR H 101 -6.65 -16.14 15.09
C THR H 101 -5.57 -15.81 16.11
#